data_9KY5
#
_entry.id   9KY5
#
_cell.length_a   1.00
_cell.length_b   1.00
_cell.length_c   1.00
_cell.angle_alpha   90.00
_cell.angle_beta   90.00
_cell.angle_gamma   90.00
#
_symmetry.space_group_name_H-M   'P 1'
#
loop_
_entity.id
_entity.type
_entity.pdbx_description
1 polymer 'Y+L amino acid transporter 2'
2 polymer 'Amino acid transporter heavy chain SLC3A2'
3 non-polymer ARGININE
#
loop_
_entity_poly.entity_id
_entity_poly.type
_entity_poly.pdbx_seq_one_letter_code
_entity_poly.pdbx_strand_id
1 'polypeptide(L)'
;DYKDDDDKSGPDEVDASGRMEAREPGRPTPTYHLVPNTSQSQVEEDVSSPPQRSSETMQLKKEISLLNGVSLVVGNMIGS
GIFVSPKGVLVHTASYGMSLIVWAIGGLFSVVGALCYAELGTTITKSGASYAYILEAFGGFIAFIRLWVSLLVVEPTGQA
IIAITFANYIIQPSFPSCDPPYLACRLLAAACICLLTFVNCAYVKWGTRVQDTFTYAKVVALIAIIVMGLVKLCQGHSEH
FQDAFEGSSWDMGNLSLALYSALFSYSGWDTLNFVTEEIKNPERNLPLAIGISMPIVTLIYILTNVAYYTVLNISDVLSS
DAVAVTFADQTFGMFSWTIPIAVALSCFGGLNASIFASSRLFFVGSREGHLPDLLSMIHIERFTPIPALLFNCTMALIYL
IVEDVFQLINYFSFSYWFFVGLSVVGQLYLRWKEPKRPRPLKLSVFFPIVFCICSVFLVIVPLFTDTINSLIGIGIALSG
VPFYFMGVYLPESRRPLFIRNVLAAITRGTQQLCFCVLTELDVAEEKKDERKTD
;
A
2 'polypeptide(L)'
;HHHHHHHHHHSGRELQPPEASIAVVSIPRQLPGSHSEAGVQGLSAGDDSELGSHCVAQTGLELLASGDPLPSASQNAEMI
ETGSDCVTQAGLQLLASSDPPALASKNAEVTGTMSQDTEVDMKEVELNELEPEKQPMNAASGAAMSLAGAEKNGLVKIKV
AEDEAEAAAAAKFTGLSKEELLKVAGSPGWVRTRWALLLLFWLGWLGMLAGAVVIIVRAPRCRELPAQKWWHTGALYRIG
DLQAFQGHGAGNLAGLKGRLDYLSSLKVKGLVLGPIHKNQKDDVAQTDLLQIDPNFGSKEDFDSLLQSAKKKSIRVILDL
TPNYRGENSWFSTQVDTVATKVKDALEFWLQAGVDGFQVRDIENLKDASSFLAEWQNITKGFSEDRLLIAGTNSSDLQQI
LSLLESNKDLLLTSSYLSDSGSTGEHTKSLVTQYLNATGNRWCSWSLSQARLLTSFLPAQLLRLYQLMLFTLPGTPVFSY
GDEIGLDAAALPGQPMEAPVMLWDESSFPDIPGAVSANMTVKGQSEDPGSLLSLFRRLSDQRSKERSLLHGDFHAFSAGP
GLFSYIRHWDQNERFLVVLNFGDVGLSAGLQASDLPASASLPAKADLLLSTQPGREEGSPLELERLKLEPHEGLLLRFPY
AATGA
;
B
#
# COMPACT_ATOMS: atom_id res chain seq x y z
N MET A 58 -14.44 -13.63 45.58
CA MET A 58 -14.00 -13.89 44.22
C MET A 58 -14.08 -12.65 43.33
N GLN A 59 -13.77 -11.49 43.90
CA GLN A 59 -13.67 -10.27 43.11
C GLN A 59 -12.48 -10.37 42.17
N LEU A 60 -12.42 -9.46 41.21
CA LEU A 60 -11.51 -9.63 40.08
C LEU A 60 -10.03 -9.46 40.45
N LYS A 61 -9.68 -9.27 41.72
CA LYS A 61 -8.31 -9.46 42.20
C LYS A 61 -7.34 -8.54 41.45
N LYS A 62 -7.43 -7.24 41.77
CA LYS A 62 -6.59 -6.22 41.15
C LYS A 62 -5.13 -6.66 41.11
N GLU A 63 -4.60 -6.93 39.91
CA GLU A 63 -3.25 -7.47 39.78
C GLU A 63 -2.56 -6.86 38.55
N ILE A 64 -2.69 -5.55 38.35
CA ILE A 64 -2.03 -4.85 37.26
C ILE A 64 -1.21 -3.71 37.85
N SER A 65 0.07 -3.64 37.47
CA SER A 65 0.96 -2.62 37.98
C SER A 65 0.96 -1.42 37.04
N LEU A 66 1.90 -0.49 37.26
CA LEU A 66 2.07 0.64 36.35
C LEU A 66 2.73 0.20 35.05
N LEU A 67 3.75 -0.65 35.14
CA LEU A 67 4.42 -1.11 33.94
C LEU A 67 3.48 -1.94 33.07
N ASN A 68 2.59 -2.72 33.70
CA ASN A 68 1.65 -3.52 32.92
C ASN A 68 0.60 -2.63 32.26
N GLY A 69 0.23 -1.52 32.89
CA GLY A 69 -0.69 -0.60 32.25
C GLY A 69 -0.06 0.13 31.07
N VAL A 70 1.16 0.62 31.26
CA VAL A 70 1.90 1.22 30.15
C VAL A 70 2.04 0.21 29.02
N SER A 71 2.30 -1.05 29.36
CA SER A 71 2.45 -2.08 28.34
C SER A 71 1.15 -2.32 27.62
N LEU A 72 0.02 -2.33 28.33
CA LEU A 72 -1.26 -2.50 27.65
C LEU A 72 -1.52 -1.37 26.67
N VAL A 73 -1.44 -0.12 27.13
CA VAL A 73 -1.72 1.00 26.24
C VAL A 73 -0.79 0.98 25.03
N VAL A 74 0.51 1.03 25.29
CA VAL A 74 1.47 1.00 24.19
C VAL A 74 1.22 -0.22 23.33
N GLY A 75 1.10 -1.39 23.95
CA GLY A 75 0.88 -2.61 23.21
C GLY A 75 -0.39 -2.63 22.40
N ASN A 76 -1.33 -1.75 22.74
CA ASN A 76 -2.61 -1.71 22.02
C ASN A 76 -2.60 -0.67 20.91
N MET A 77 -1.71 0.30 21.01
CA MET A 77 -1.65 1.36 19.99
C MET A 77 -0.67 0.99 18.88
N ILE A 78 0.57 0.69 19.24
CA ILE A 78 1.57 0.28 18.27
C ILE A 78 1.26 -1.15 17.85
N GLY A 79 0.57 -1.32 16.74
CA GLY A 79 0.28 -2.64 16.23
C GLY A 79 0.76 -2.79 14.81
N SER A 80 -0.06 -3.42 13.97
CA SER A 80 0.21 -3.43 12.54
C SER A 80 -0.16 -2.10 11.89
N GLY A 81 -0.50 -1.07 12.66
CA GLY A 81 -0.90 0.19 12.09
C GLY A 81 0.25 1.11 11.73
N ILE A 82 1.45 0.78 12.17
CA ILE A 82 2.62 1.58 11.84
C ILE A 82 3.62 0.82 10.97
N PHE A 83 3.51 -0.50 10.88
CA PHE A 83 4.45 -1.29 10.09
C PHE A 83 3.97 -1.56 8.67
N VAL A 84 2.67 -1.71 8.46
CA VAL A 84 2.20 -2.10 7.13
C VAL A 84 1.59 -0.94 6.36
N SER A 85 1.17 0.13 7.03
CA SER A 85 0.52 1.20 6.30
C SER A 85 0.57 2.53 7.04
N PRO A 86 1.75 3.18 7.12
CA PRO A 86 1.80 4.62 7.43
C PRO A 86 1.65 5.47 6.17
N LYS A 87 0.69 5.11 5.33
CA LYS A 87 0.43 5.81 4.07
C LYS A 87 -0.85 6.63 4.10
N GLY A 88 -1.80 6.28 4.96
CA GLY A 88 -3.04 7.03 5.04
C GLY A 88 -2.83 8.52 5.20
N VAL A 89 -1.71 8.90 5.82
CA VAL A 89 -1.36 10.31 5.92
C VAL A 89 -0.62 10.78 4.68
N LEU A 90 0.36 9.99 4.23
CA LEU A 90 1.17 10.40 3.09
C LEU A 90 0.37 10.44 1.80
N VAL A 91 -0.64 9.57 1.66
CA VAL A 91 -1.40 9.55 0.42
C VAL A 91 -2.27 10.79 0.27
N HIS A 92 -2.60 11.46 1.37
CA HIS A 92 -3.42 12.67 1.34
C HIS A 92 -2.63 13.92 1.69
N THR A 93 -1.30 13.84 1.70
CA THR A 93 -0.50 15.03 1.98
C THR A 93 0.64 15.18 0.98
N ALA A 94 1.12 14.04 0.45
CA ALA A 94 2.06 14.00 -0.67
C ALA A 94 3.33 14.81 -0.41
N SER A 95 3.80 14.86 0.83
CA SER A 95 5.08 15.49 1.14
C SER A 95 5.56 14.99 2.50
N TYR A 96 6.80 15.34 2.82
CA TYR A 96 7.41 14.83 4.05
C TYR A 96 7.15 15.74 5.24
N GLY A 97 7.49 17.02 5.11
CA GLY A 97 7.35 17.93 6.24
C GLY A 97 5.93 18.03 6.74
N MET A 98 4.97 18.22 5.82
CA MET A 98 3.59 18.32 6.23
C MET A 98 3.03 17.00 6.71
N SER A 99 3.57 15.87 6.22
CA SER A 99 3.16 14.59 6.75
C SER A 99 3.62 14.41 8.19
N LEU A 100 4.85 14.81 8.50
CA LEU A 100 5.33 14.73 9.87
C LEU A 100 4.56 15.69 10.77
N ILE A 101 4.20 16.86 10.24
CA ILE A 101 3.41 17.79 11.04
C ILE A 101 2.02 17.22 11.31
N VAL A 102 1.43 16.54 10.33
CA VAL A 102 0.11 15.96 10.54
C VAL A 102 0.20 14.81 11.53
N TRP A 103 1.28 14.04 11.50
CA TRP A 103 1.48 12.99 12.50
C TRP A 103 1.58 13.59 13.90
N ALA A 104 2.40 14.63 14.05
CA ALA A 104 2.54 15.29 15.34
C ALA A 104 1.21 15.84 15.84
N ILE A 105 0.42 16.43 14.95
CA ILE A 105 -0.81 17.10 15.41
C ILE A 105 -1.90 16.08 15.70
N GLY A 106 -2.01 15.04 14.88
CA GLY A 106 -2.89 13.93 15.25
C GLY A 106 -2.52 13.33 16.58
N GLY A 107 -1.21 13.22 16.85
CA GLY A 107 -0.77 12.73 18.14
C GLY A 107 -1.15 13.67 19.27
N LEU A 108 -1.07 14.98 19.04
CA LEU A 108 -1.47 15.94 20.06
C LEU A 108 -2.95 15.80 20.37
N PHE A 109 -3.78 15.64 19.34
CA PHE A 109 -5.22 15.49 19.58
C PHE A 109 -5.51 14.18 20.31
N SER A 110 -4.84 13.10 19.93
CA SER A 110 -5.03 11.85 20.64
C SER A 110 -4.54 11.94 22.08
N VAL A 111 -3.53 12.78 22.35
CA VAL A 111 -3.08 12.96 23.72
C VAL A 111 -4.12 13.73 24.52
N VAL A 112 -4.74 14.73 23.92
CA VAL A 112 -5.83 15.44 24.60
C VAL A 112 -6.96 14.47 24.91
N GLY A 113 -7.24 13.55 23.98
CA GLY A 113 -8.25 12.54 24.26
C GLY A 113 -7.86 11.59 25.37
N ALA A 114 -6.61 11.15 25.38
CA ALA A 114 -6.15 10.26 26.44
C ALA A 114 -6.21 10.95 27.79
N LEU A 115 -5.96 12.26 27.85
CA LEU A 115 -6.10 12.97 29.12
C LEU A 115 -7.56 13.09 29.52
N CYS A 116 -8.44 13.30 28.55
CA CYS A 116 -9.88 13.18 28.80
C CYS A 116 -10.20 11.85 29.48
N TYR A 117 -9.66 10.76 28.95
CA TYR A 117 -9.99 9.46 29.53
C TYR A 117 -9.27 9.21 30.86
N ALA A 118 -8.12 9.82 31.08
CA ALA A 118 -7.53 9.75 32.42
C ALA A 118 -8.46 10.38 33.44
N GLU A 119 -8.98 11.57 33.11
CA GLU A 119 -9.93 12.21 34.01
C GLU A 119 -11.16 11.32 34.22
N LEU A 120 -11.71 10.77 33.15
CA LEU A 120 -12.87 9.90 33.27
C LEU A 120 -12.57 8.69 34.14
N GLY A 121 -11.62 7.86 33.70
CA GLY A 121 -11.24 6.63 34.39
C GLY A 121 -10.70 6.84 35.78
N THR A 122 -10.50 8.09 36.21
CA THR A 122 -10.33 8.31 37.64
C THR A 122 -11.57 8.87 38.32
N THR A 123 -12.53 9.40 37.57
CA THR A 123 -13.77 9.84 38.19
C THR A 123 -14.66 8.66 38.53
N ILE A 124 -14.91 7.79 37.56
CA ILE A 124 -15.91 6.72 37.71
C ILE A 124 -15.31 5.49 38.37
N THR A 125 -14.14 5.04 37.91
CA THR A 125 -13.48 3.83 38.40
C THR A 125 -14.39 2.61 38.21
N LYS A 126 -14.64 2.29 36.95
CA LYS A 126 -15.43 1.13 36.59
C LYS A 126 -15.01 0.70 35.18
N SER A 127 -14.86 -0.61 35.00
CA SER A 127 -14.27 -1.13 33.77
C SER A 127 -15.15 -0.82 32.56
N GLY A 128 -14.51 -0.87 31.39
CA GLY A 128 -15.20 -0.77 30.13
C GLY A 128 -14.90 0.49 29.36
N ALA A 129 -14.89 1.62 30.05
CA ALA A 129 -14.41 2.90 29.52
C ALA A 129 -15.22 3.44 28.35
N SER A 130 -16.14 2.65 27.84
CA SER A 130 -17.14 3.17 26.92
C SER A 130 -18.48 2.50 27.10
N TYR A 131 -18.63 1.62 28.09
CA TYR A 131 -19.88 0.98 28.42
C TYR A 131 -20.34 1.31 29.83
N ALA A 132 -19.43 1.81 30.66
CA ALA A 132 -19.84 2.31 31.97
C ALA A 132 -19.97 3.83 31.93
N TYR A 133 -19.08 4.49 31.18
CA TYR A 133 -19.12 5.94 31.11
C TYR A 133 -20.36 6.39 30.35
N ILE A 134 -20.68 5.70 29.25
CA ILE A 134 -21.97 5.87 28.61
C ILE A 134 -23.09 5.49 29.57
N LEU A 135 -22.89 4.40 30.32
CA LEU A 135 -23.95 3.94 31.23
C LEU A 135 -24.32 5.02 32.24
N GLU A 136 -23.35 5.44 33.05
CA GLU A 136 -23.60 6.51 34.00
C GLU A 136 -23.86 7.82 33.29
N ALA A 137 -24.88 8.54 33.74
CA ALA A 137 -25.30 9.86 33.28
C ALA A 137 -26.02 9.86 31.95
N PHE A 138 -26.08 8.73 31.25
CA PHE A 138 -26.84 8.64 29.99
C PHE A 138 -27.92 7.58 30.04
N GLY A 139 -27.71 6.52 30.81
CA GLY A 139 -28.75 5.52 31.02
C GLY A 139 -28.42 4.20 30.35
N GLY A 140 -29.36 3.27 30.44
CA GLY A 140 -29.13 1.92 29.96
C GLY A 140 -29.07 1.81 28.46
N PHE A 141 -29.89 2.60 27.76
CA PHE A 141 -30.12 2.38 26.33
C PHE A 141 -28.83 2.47 25.53
N ILE A 142 -28.20 3.64 25.54
CA ILE A 142 -27.01 3.83 24.69
C ILE A 142 -25.86 2.97 25.21
N ALA A 143 -25.86 2.69 26.52
CA ALA A 143 -24.88 1.75 27.04
C ALA A 143 -24.99 0.40 26.37
N PHE A 144 -26.20 -0.16 26.33
CA PHE A 144 -26.39 -1.45 25.69
C PHE A 144 -26.12 -1.36 24.19
N ILE A 145 -26.34 -0.19 23.60
CA ILE A 145 -26.03 -0.05 22.18
C ILE A 145 -24.53 -0.17 21.94
N ARG A 146 -23.73 0.47 22.80
CA ARG A 146 -22.29 0.31 22.71
C ARG A 146 -21.89 -1.14 22.91
N LEU A 147 -22.47 -1.79 23.92
CA LEU A 147 -22.11 -3.17 24.19
C LEU A 147 -22.48 -4.07 23.03
N TRP A 148 -23.61 -3.80 22.38
CA TRP A 148 -24.01 -4.59 21.22
C TRP A 148 -23.03 -4.43 20.08
N VAL A 149 -22.71 -3.18 19.72
CA VAL A 149 -21.84 -3.02 18.57
C VAL A 149 -20.43 -3.49 18.88
N SER A 150 -20.07 -3.57 20.17
CA SER A 150 -18.77 -4.11 20.51
C SER A 150 -18.81 -5.61 20.75
N LEU A 151 -19.99 -6.21 20.71
CA LEU A 151 -20.11 -7.65 20.74
C LEU A 151 -20.28 -8.24 19.35
N LEU A 152 -20.80 -7.47 18.39
CA LEU A 152 -21.06 -7.99 17.06
C LEU A 152 -19.92 -7.73 16.08
N VAL A 153 -19.58 -6.46 15.83
CA VAL A 153 -18.72 -6.11 14.72
C VAL A 153 -17.61 -5.14 15.09
N VAL A 154 -17.23 -5.04 16.37
CA VAL A 154 -16.09 -4.19 16.70
C VAL A 154 -15.00 -5.01 17.36
N GLU A 155 -15.34 -5.77 18.39
CA GLU A 155 -14.30 -6.54 19.05
C GLU A 155 -14.03 -7.85 18.29
N PRO A 156 -15.04 -8.60 17.87
CA PRO A 156 -14.74 -9.79 17.05
C PRO A 156 -13.98 -9.46 15.78
N THR A 157 -14.41 -8.42 15.05
CA THR A 157 -13.69 -8.06 13.83
C THR A 157 -12.30 -7.54 14.14
N GLY A 158 -12.16 -6.75 15.20
CA GLY A 158 -10.84 -6.27 15.58
C GLY A 158 -9.86 -7.39 15.85
N GLN A 159 -10.25 -8.34 16.72
CA GLN A 159 -9.35 -9.45 17.03
C GLN A 159 -9.13 -10.35 15.82
N ALA A 160 -10.16 -10.56 15.01
CA ALA A 160 -9.99 -11.43 13.84
C ALA A 160 -9.02 -10.82 12.85
N ILE A 161 -9.09 -9.51 12.65
CA ILE A 161 -8.17 -8.87 11.70
C ILE A 161 -6.75 -8.85 12.25
N ILE A 162 -6.60 -8.60 13.56
CA ILE A 162 -5.26 -8.60 14.12
C ILE A 162 -4.64 -9.99 14.05
N ALA A 163 -5.42 -11.03 14.31
CA ALA A 163 -4.90 -12.38 14.21
C ALA A 163 -4.59 -12.76 12.77
N ILE A 164 -5.41 -12.30 11.82
CA ILE A 164 -5.13 -12.59 10.42
C ILE A 164 -3.85 -11.91 9.98
N THR A 165 -3.62 -10.68 10.44
CA THR A 165 -2.36 -10.01 10.11
C THR A 165 -1.18 -10.70 10.77
N PHE A 166 -1.37 -11.22 11.98
CA PHE A 166 -0.33 -12.06 12.60
C PHE A 166 0.01 -13.25 11.71
N ALA A 167 -1.02 -13.96 11.24
CA ALA A 167 -0.78 -15.10 10.36
C ALA A 167 -0.07 -14.68 9.08
N ASN A 168 -0.52 -13.57 8.48
CA ASN A 168 0.07 -13.12 7.22
C ASN A 168 1.54 -12.77 7.38
N TYR A 169 1.91 -12.15 8.50
CA TYR A 169 3.26 -11.66 8.66
C TYR A 169 4.15 -12.56 9.50
N ILE A 170 3.65 -13.72 9.92
CA ILE A 170 4.54 -14.71 10.51
C ILE A 170 5.12 -15.63 9.45
N ILE A 171 4.37 -15.88 8.38
CA ILE A 171 4.83 -16.74 7.28
C ILE A 171 5.28 -15.94 6.08
N GLN A 172 5.23 -14.61 6.15
CA GLN A 172 5.62 -13.80 5.01
C GLN A 172 7.07 -13.99 4.58
N PRO A 173 8.06 -14.16 5.48
CA PRO A 173 9.42 -14.43 5.00
C PRO A 173 9.56 -15.71 4.20
N SER A 174 8.61 -16.65 4.34
CA SER A 174 8.59 -17.82 3.47
C SER A 174 7.84 -17.58 2.17
N PHE A 175 6.94 -16.60 2.13
CA PHE A 175 6.15 -16.28 0.94
C PHE A 175 6.28 -14.81 0.60
N PRO A 176 7.48 -14.38 0.18
CA PRO A 176 7.70 -12.94 -0.02
C PRO A 176 6.84 -12.30 -1.09
N SER A 177 6.88 -12.82 -2.31
CA SER A 177 6.40 -12.10 -3.48
C SER A 177 4.98 -12.47 -3.90
N CYS A 178 4.38 -13.51 -3.29
CA CYS A 178 3.07 -13.97 -3.69
C CYS A 178 2.13 -14.02 -2.49
N ASP A 179 0.95 -14.59 -2.71
CA ASP A 179 -0.09 -14.63 -1.71
C ASP A 179 -0.02 -15.91 -0.89
N PRO A 180 0.19 -15.81 0.42
CA PRO A 180 0.17 -17.00 1.28
C PRO A 180 -1.16 -17.74 1.14
N PRO A 181 -1.16 -19.05 1.35
CA PRO A 181 -2.40 -19.82 1.19
C PRO A 181 -3.43 -19.46 2.26
N TYR A 182 -4.56 -18.90 1.81
CA TYR A 182 -5.66 -18.45 2.65
C TYR A 182 -5.99 -19.43 3.77
N LEU A 183 -5.93 -20.73 3.46
CA LEU A 183 -6.13 -21.76 4.48
C LEU A 183 -5.14 -21.60 5.63
N ALA A 184 -3.86 -21.40 5.32
CA ALA A 184 -2.86 -21.25 6.36
C ALA A 184 -3.11 -19.98 7.17
N CYS A 185 -3.41 -18.88 6.49
CA CYS A 185 -3.78 -17.64 7.18
C CYS A 185 -4.85 -17.90 8.22
N ARG A 186 -5.98 -18.46 7.80
CA ARG A 186 -7.10 -18.62 8.72
C ARG A 186 -6.79 -19.61 9.83
N LEU A 187 -6.20 -20.76 9.50
CA LEU A 187 -5.92 -21.75 10.54
C LEU A 187 -4.95 -21.20 11.57
N LEU A 188 -3.88 -20.54 11.13
CA LEU A 188 -2.91 -20.04 12.09
C LEU A 188 -3.46 -18.87 12.89
N ALA A 189 -4.34 -18.07 12.31
CA ALA A 189 -4.95 -16.99 13.10
C ALA A 189 -5.91 -17.55 14.14
N ALA A 190 -6.68 -18.59 13.78
CA ALA A 190 -7.56 -19.21 14.75
C ALA A 190 -6.75 -19.88 15.86
N ALA A 191 -5.60 -20.47 15.51
CA ALA A 191 -4.76 -21.09 16.52
C ALA A 191 -4.17 -20.04 17.45
N CYS A 192 -3.75 -18.89 16.89
CA CYS A 192 -3.26 -17.80 17.73
C CYS A 192 -4.33 -17.30 18.68
N ILE A 193 -5.57 -17.12 18.19
CA ILE A 193 -6.63 -16.65 19.07
C ILE A 193 -6.91 -17.65 20.17
N CYS A 194 -6.96 -18.95 19.83
CA CYS A 194 -7.21 -19.95 20.86
C CYS A 194 -6.10 -19.99 21.90
N LEU A 195 -4.85 -19.85 21.46
CA LEU A 195 -3.74 -19.86 22.40
C LEU A 195 -3.79 -18.65 23.31
N LEU A 196 -4.16 -17.49 22.78
CA LEU A 196 -4.20 -16.30 23.62
C LEU A 196 -5.38 -16.35 24.59
N THR A 197 -6.51 -16.90 24.16
CA THR A 197 -7.62 -17.06 25.08
C THR A 197 -7.27 -18.05 26.19
N PHE A 198 -6.57 -19.13 25.87
CA PHE A 198 -6.18 -20.06 26.93
C PHE A 198 -5.19 -19.40 27.90
N VAL A 199 -4.19 -18.71 27.37
CA VAL A 199 -3.26 -17.99 28.24
C VAL A 199 -4.02 -17.07 29.19
N ASN A 200 -4.87 -16.21 28.63
CA ASN A 200 -5.58 -15.24 29.47
C ASN A 200 -6.58 -15.92 30.40
N CYS A 201 -6.94 -17.17 30.11
CA CYS A 201 -7.81 -17.89 31.03
C CYS A 201 -7.03 -18.43 32.22
N ALA A 202 -5.87 -19.05 31.96
CA ALA A 202 -5.19 -19.80 33.02
C ALA A 202 -4.83 -18.89 34.19
N TYR A 203 -4.22 -17.74 33.91
CA TYR A 203 -3.82 -16.82 34.96
C TYR A 203 -3.72 -15.43 34.35
N VAL A 204 -4.40 -14.47 34.96
CA VAL A 204 -4.31 -13.09 34.49
C VAL A 204 -2.86 -12.63 34.42
N LYS A 205 -2.02 -13.15 35.31
CA LYS A 205 -0.61 -12.81 35.27
C LYS A 205 0.05 -13.33 34.01
N TRP A 206 -0.39 -14.48 33.48
CA TRP A 206 0.14 -14.95 32.21
C TRP A 206 -0.20 -13.99 31.09
N GLY A 207 -1.42 -13.45 31.10
CA GLY A 207 -1.78 -12.46 30.10
C GLY A 207 -0.95 -11.19 30.21
N THR A 208 -0.76 -10.70 31.43
CA THR A 208 0.06 -9.50 31.59
C THR A 208 1.50 -9.75 31.17
N ARG A 209 2.02 -10.96 31.42
CA ARG A 209 3.40 -11.24 31.06
C ARG A 209 3.55 -11.39 29.55
N VAL A 210 2.60 -12.06 28.88
CA VAL A 210 2.63 -12.13 27.43
C VAL A 210 2.61 -10.72 26.83
N GLN A 211 1.67 -9.89 27.29
CA GLN A 211 1.56 -8.54 26.77
C GLN A 211 2.83 -7.74 27.00
N ASP A 212 3.41 -7.86 28.19
CA ASP A 212 4.62 -7.11 28.51
C ASP A 212 5.79 -7.55 27.64
N THR A 213 6.02 -8.85 27.56
CA THR A 213 7.12 -9.37 26.75
C THR A 213 6.98 -8.93 25.30
N PHE A 214 5.77 -8.99 24.75
CA PHE A 214 5.67 -8.74 23.31
C PHE A 214 5.63 -7.26 22.99
N THR A 215 5.14 -6.40 23.90
CA THR A 215 5.29 -4.98 23.64
C THR A 215 6.74 -4.55 23.83
N TYR A 216 7.48 -5.23 24.73
CA TYR A 216 8.93 -5.04 24.75
C TYR A 216 9.55 -5.38 23.40
N ALA A 217 9.15 -6.53 22.83
CA ALA A 217 9.73 -6.97 21.57
C ALA A 217 9.47 -5.96 20.46
N LYS A 218 8.22 -5.52 20.31
CA LYS A 218 7.93 -4.62 19.19
C LYS A 218 8.45 -3.21 19.45
N VAL A 219 8.56 -2.77 20.71
CA VAL A 219 9.18 -1.48 20.94
C VAL A 219 10.67 -1.56 20.64
N VAL A 220 11.31 -2.70 20.92
CA VAL A 220 12.71 -2.86 20.53
C VAL A 220 12.85 -2.86 19.01
N ALA A 221 11.93 -3.50 18.30
CA ALA A 221 11.99 -3.49 16.85
C ALA A 221 11.83 -2.08 16.28
N LEU A 222 10.89 -1.30 16.84
CA LEU A 222 10.74 0.07 16.36
C LEU A 222 11.91 0.94 16.76
N ILE A 223 12.55 0.63 17.89
CA ILE A 223 13.79 1.32 18.24
C ILE A 223 14.86 1.01 17.21
N ALA A 224 14.94 -0.24 16.77
CA ALA A 224 15.90 -0.59 15.72
C ALA A 224 15.63 0.18 14.45
N ILE A 225 14.36 0.28 14.04
CA ILE A 225 14.03 1.03 12.83
C ILE A 225 14.42 2.49 12.99
N ILE A 226 14.06 3.11 14.12
CA ILE A 226 14.36 4.53 14.32
C ILE A 226 15.86 4.75 14.35
N VAL A 227 16.62 3.84 14.96
CA VAL A 227 18.06 4.01 15.05
C VAL A 227 18.71 3.89 13.68
N MET A 228 18.29 2.91 12.88
CA MET A 228 18.85 2.81 11.54
C MET A 228 18.49 4.02 10.70
N GLY A 229 17.27 4.54 10.85
CA GLY A 229 16.88 5.72 10.12
C GLY A 229 17.71 6.94 10.50
N LEU A 230 17.91 7.15 11.80
CA LEU A 230 18.70 8.30 12.25
C LEU A 230 20.17 8.13 11.91
N VAL A 231 20.69 6.90 11.89
CA VAL A 231 22.06 6.68 11.46
C VAL A 231 22.21 7.06 10.00
N LYS A 232 21.33 6.54 9.14
CA LYS A 232 21.40 6.90 7.73
C LYS A 232 21.21 8.40 7.51
N LEU A 233 20.39 9.03 8.35
CA LEU A 233 20.15 10.47 8.22
C LEU A 233 21.40 11.26 8.58
N CYS A 234 21.86 11.14 9.82
CA CYS A 234 22.96 11.96 10.30
C CYS A 234 24.33 11.41 9.94
N GLN A 235 24.42 10.35 9.14
CA GLN A 235 25.74 9.86 8.78
C GLN A 235 26.36 10.70 7.68
N GLY A 236 25.79 10.66 6.48
CA GLY A 236 26.31 11.48 5.40
C GLY A 236 25.31 11.93 4.35
N HIS A 237 24.01 11.68 4.56
CA HIS A 237 23.07 11.76 3.44
C HIS A 237 22.08 12.90 3.57
N SER A 238 21.24 12.92 4.61
CA SER A 238 20.21 13.94 4.80
C SER A 238 19.57 14.33 3.47
N GLU A 239 19.07 13.34 2.75
CA GLU A 239 18.83 13.50 1.32
C GLU A 239 17.41 13.94 0.99
N HIS A 240 16.41 13.39 1.67
CA HIS A 240 15.04 13.82 1.41
C HIS A 240 14.60 14.98 2.29
N PHE A 241 15.27 15.19 3.42
CA PHE A 241 14.91 16.27 4.34
C PHE A 241 15.73 17.53 4.05
N GLN A 242 15.68 17.96 2.80
CA GLN A 242 16.38 19.17 2.38
C GLN A 242 15.44 20.28 1.91
N ASP A 243 14.35 19.96 1.23
CA ASP A 243 13.35 20.94 0.84
C ASP A 243 11.95 20.38 1.11
N ALA A 244 11.75 19.91 2.34
CA ALA A 244 10.45 19.38 2.73
C ALA A 244 9.37 20.45 2.57
N PHE A 245 8.11 20.00 2.68
CA PHE A 245 6.89 20.78 2.52
C PHE A 245 6.57 21.11 1.06
N GLU A 246 7.45 20.76 0.12
CA GLU A 246 7.18 21.05 -1.28
C GLU A 246 6.15 20.07 -1.83
N GLY A 247 5.38 20.54 -2.82
CA GLY A 247 4.36 19.72 -3.43
C GLY A 247 3.21 19.34 -2.52
N SER A 248 3.21 19.80 -1.28
CA SER A 248 2.15 19.46 -0.35
C SER A 248 0.83 20.09 -0.77
N SER A 249 -0.24 19.67 -0.11
CA SER A 249 -1.58 20.19 -0.37
C SER A 249 -2.10 20.81 0.91
N TRP A 250 -2.29 22.13 0.89
CA TRP A 250 -2.80 22.86 2.05
C TRP A 250 -4.30 23.11 1.96
N ASP A 251 -4.94 22.59 0.91
CA ASP A 251 -6.39 22.72 0.78
C ASP A 251 -7.07 21.71 1.69
N MET A 252 -8.06 22.18 2.46
CA MET A 252 -8.65 21.37 3.53
C MET A 252 -9.11 20.00 3.04
N GLY A 253 -9.49 19.88 1.77
CA GLY A 253 -9.92 18.60 1.22
C GLY A 253 -8.88 17.51 1.32
N ASN A 254 -7.64 17.84 1.66
CA ASN A 254 -6.58 16.86 1.87
C ASN A 254 -6.09 16.80 3.30
N LEU A 255 -5.96 17.95 3.98
CA LEU A 255 -5.53 17.93 5.37
C LEU A 255 -6.60 17.31 6.27
N SER A 256 -7.87 17.41 5.87
CA SER A 256 -8.93 16.74 6.63
C SER A 256 -8.68 15.24 6.71
N LEU A 257 -8.58 14.59 5.55
CA LEU A 257 -8.32 13.16 5.54
C LEU A 257 -6.94 12.84 6.10
N ALA A 258 -5.99 13.76 5.98
CA ALA A 258 -4.69 13.56 6.60
C ALA A 258 -4.83 13.36 8.11
N LEU A 259 -5.49 14.30 8.78
CA LEU A 259 -5.70 14.15 10.22
C LEU A 259 -6.58 12.96 10.54
N TYR A 260 -7.63 12.74 9.74
CA TYR A 260 -8.57 11.66 10.04
C TYR A 260 -7.91 10.29 9.92
N SER A 261 -6.88 10.18 9.09
CA SER A 261 -6.15 8.92 9.03
C SER A 261 -4.90 8.95 9.91
N ALA A 262 -4.56 10.12 10.46
CA ALA A 262 -3.56 10.16 11.51
C ALA A 262 -4.17 9.81 12.86
N LEU A 263 -5.50 9.83 12.96
CA LEU A 263 -6.18 9.40 14.18
C LEU A 263 -6.47 7.91 14.22
N PHE A 264 -6.78 7.29 13.08
CA PHE A 264 -6.96 5.83 13.07
C PHE A 264 -5.65 5.10 13.36
N SER A 265 -4.54 5.82 13.37
CA SER A 265 -3.27 5.20 13.74
C SER A 265 -2.99 5.31 15.23
N TYR A 266 -3.66 6.22 15.93
CA TYR A 266 -3.51 6.36 17.37
C TYR A 266 -4.64 5.71 18.16
N SER A 267 -5.55 5.04 17.47
CA SER A 267 -6.63 4.35 18.16
C SER A 267 -6.06 3.29 19.10
N GLY A 268 -6.69 3.14 20.27
CA GLY A 268 -6.24 2.13 21.21
C GLY A 268 -5.51 2.69 22.42
N TRP A 269 -5.64 3.98 22.65
CA TRP A 269 -4.95 4.62 23.76
C TRP A 269 -5.71 4.49 25.07
N ASP A 270 -6.74 3.65 25.11
CA ASP A 270 -7.55 3.51 26.31
C ASP A 270 -7.81 2.06 26.67
N THR A 271 -7.07 1.14 26.07
CA THR A 271 -7.23 -0.26 26.42
C THR A 271 -7.10 -0.40 27.92
N LEU A 272 -6.25 0.44 28.52
CA LEU A 272 -6.05 0.40 29.96
C LEU A 272 -7.27 0.90 30.72
N ASN A 273 -8.15 1.64 30.07
CA ASN A 273 -9.35 2.10 30.73
C ASN A 273 -10.47 1.09 30.64
N PHE A 274 -10.36 0.08 29.78
CA PHE A 274 -11.32 -1.02 29.76
C PHE A 274 -11.20 -1.90 30.99
N VAL A 275 -10.05 -1.88 31.66
CA VAL A 275 -9.82 -2.75 32.82
C VAL A 275 -9.47 -1.91 34.03
N THR A 276 -10.05 -0.71 34.13
CA THR A 276 -9.75 0.19 35.23
C THR A 276 -9.89 -0.49 36.59
N GLU A 277 -10.82 -1.43 36.71
CA GLU A 277 -11.12 -2.01 38.02
C GLU A 277 -9.99 -2.90 38.54
N GLU A 278 -9.24 -3.54 37.65
CA GLU A 278 -8.18 -4.46 38.06
C GLU A 278 -6.84 -3.76 38.27
N ILE A 279 -6.78 -2.45 38.12
CA ILE A 279 -5.51 -1.75 38.27
C ILE A 279 -5.16 -1.65 39.76
N LYS A 280 -3.87 -1.55 40.05
CA LYS A 280 -3.40 -1.52 41.43
C LYS A 280 -3.97 -0.32 42.18
N ASN A 281 -3.61 0.89 41.74
CA ASN A 281 -4.14 2.14 42.30
C ASN A 281 -4.87 2.87 41.18
N PRO A 282 -6.14 2.56 40.95
CA PRO A 282 -6.84 3.12 39.77
C PRO A 282 -6.92 4.64 39.78
N GLU A 283 -6.46 5.31 40.84
CA GLU A 283 -6.50 6.76 40.88
C GLU A 283 -5.17 7.40 40.54
N ARG A 284 -4.07 6.67 40.69
CA ARG A 284 -2.74 7.17 40.35
C ARG A 284 -2.09 6.41 39.21
N ASN A 285 -2.28 5.09 39.14
CA ASN A 285 -1.61 4.30 38.11
C ASN A 285 -2.25 4.46 36.73
N LEU A 286 -3.54 4.76 36.66
CA LEU A 286 -4.18 4.91 35.36
C LEU A 286 -3.73 6.19 34.65
N PRO A 287 -3.86 7.37 35.27
CA PRO A 287 -3.45 8.59 34.54
C PRO A 287 -1.95 8.68 34.37
N LEU A 288 -1.17 8.22 35.35
CA LEU A 288 0.27 8.18 35.17
C LEU A 288 0.67 7.20 34.07
N ALA A 289 -0.06 6.09 33.95
CA ALA A 289 0.25 5.13 32.89
C ALA A 289 -0.08 5.70 31.52
N ILE A 290 -1.21 6.40 31.40
CA ILE A 290 -1.56 7.01 30.12
C ILE A 290 -0.57 8.14 29.79
N GLY A 291 -0.12 8.88 30.80
CA GLY A 291 0.84 9.94 30.57
C GLY A 291 2.26 9.46 30.32
N ILE A 292 2.57 8.23 30.70
CA ILE A 292 3.84 7.62 30.31
C ILE A 292 3.72 6.95 28.94
N SER A 293 2.51 6.54 28.54
CA SER A 293 2.36 5.89 27.25
C SER A 293 2.30 6.89 26.11
N MET A 294 1.40 7.88 26.19
CA MET A 294 1.19 8.81 25.08
C MET A 294 2.46 9.43 24.52
N PRO A 295 3.38 9.98 25.32
CA PRO A 295 4.61 10.50 24.72
C PRO A 295 5.44 9.42 24.05
N ILE A 296 5.47 8.21 24.62
CA ILE A 296 6.27 7.14 24.02
C ILE A 296 5.71 6.78 22.64
N VAL A 297 4.39 6.65 22.53
CA VAL A 297 3.81 6.27 21.25
C VAL A 297 3.92 7.40 20.25
N THR A 298 3.69 8.64 20.67
CA THR A 298 3.81 9.75 19.74
C THR A 298 5.24 9.90 19.23
N LEU A 299 6.22 9.83 20.12
CA LEU A 299 7.62 9.95 19.70
C LEU A 299 8.02 8.79 18.81
N ILE A 300 7.54 7.58 19.11
CA ILE A 300 7.90 6.45 18.26
C ILE A 300 7.26 6.57 16.89
N TYR A 301 6.03 7.08 16.82
CA TYR A 301 5.41 7.30 15.51
C TYR A 301 6.18 8.32 14.69
N ILE A 302 6.43 9.49 15.29
CA ILE A 302 7.10 10.56 14.56
C ILE A 302 8.50 10.10 14.12
N LEU A 303 9.25 9.48 15.01
CA LEU A 303 10.62 9.11 14.66
C LEU A 303 10.67 7.92 13.72
N THR A 304 9.72 6.99 13.82
CA THR A 304 9.65 5.90 12.84
C THR A 304 9.36 6.43 11.45
N ASN A 305 8.45 7.40 11.35
CA ASN A 305 8.22 7.99 10.03
C ASN A 305 9.41 8.82 9.57
N VAL A 306 10.15 9.41 10.51
CA VAL A 306 11.42 10.04 10.15
C VAL A 306 12.34 9.01 9.52
N ALA A 307 12.43 7.82 10.11
CA ALA A 307 13.28 6.78 9.55
C ALA A 307 12.83 6.39 8.15
N TYR A 308 11.54 6.06 7.99
CA TYR A 308 11.02 5.71 6.67
C TYR A 308 11.35 6.77 5.64
N TYR A 309 10.94 8.02 5.91
CA TYR A 309 11.13 9.07 4.92
C TYR A 309 12.59 9.42 4.70
N THR A 310 13.47 9.09 5.64
CA THR A 310 14.89 9.29 5.39
C THR A 310 15.44 8.22 4.47
N VAL A 311 15.02 6.97 4.63
CA VAL A 311 15.56 5.89 3.81
C VAL A 311 14.77 5.72 2.52
N LEU A 312 13.45 5.64 2.64
CA LEU A 312 12.62 5.39 1.47
C LEU A 312 12.00 6.64 0.90
N ASN A 313 11.35 6.50 -0.25
CA ASN A 313 10.72 7.65 -0.88
C ASN A 313 9.21 7.58 -0.73
N ILE A 314 8.57 8.73 -0.58
CA ILE A 314 7.13 8.78 -0.40
C ILE A 314 6.42 7.83 -1.36
N SER A 315 6.78 7.90 -2.63
CA SER A 315 6.12 7.07 -3.63
C SER A 315 6.16 5.60 -3.22
N ASP A 316 7.37 5.07 -3.01
CA ASP A 316 7.47 3.65 -2.67
C ASP A 316 6.75 3.40 -1.35
N VAL A 317 6.95 4.28 -0.38
CA VAL A 317 6.24 4.14 0.87
C VAL A 317 4.77 4.00 0.55
N LEU A 318 4.22 4.99 -0.13
CA LEU A 318 2.81 4.99 -0.48
C LEU A 318 2.42 3.73 -1.25
N SER A 319 3.40 3.04 -1.80
CA SER A 319 3.13 1.84 -2.58
C SER A 319 3.34 0.60 -1.74
N SER A 320 4.20 0.68 -0.74
CA SER A 320 4.52 -0.48 0.08
C SER A 320 3.33 -0.93 0.92
N ASP A 321 2.76 -2.08 0.57
CA ASP A 321 1.67 -2.63 1.38
C ASP A 321 2.24 -3.04 2.71
N ALA A 322 3.55 -3.19 2.78
CA ALA A 322 4.21 -3.51 4.04
C ALA A 322 5.38 -2.56 4.08
N VAL A 323 5.10 -1.30 4.36
CA VAL A 323 6.13 -0.27 4.32
C VAL A 323 7.34 -0.69 5.15
N ALA A 324 7.11 -1.27 6.33
CA ALA A 324 8.24 -1.70 7.15
C ALA A 324 8.99 -2.86 6.51
N VAL A 325 8.29 -3.72 5.77
CA VAL A 325 8.95 -4.81 5.08
C VAL A 325 9.82 -4.27 3.96
N THR A 326 9.32 -3.28 3.21
CA THR A 326 10.14 -2.60 2.20
C THR A 326 11.36 -1.96 2.84
N PHE A 327 11.18 -1.29 3.98
CA PHE A 327 12.31 -0.71 4.69
C PHE A 327 13.33 -1.78 5.07
N ALA A 328 12.86 -2.93 5.56
CA ALA A 328 13.75 -4.03 5.90
C ALA A 328 14.55 -4.48 4.69
N ASP A 329 13.87 -4.66 3.56
CA ASP A 329 14.56 -5.08 2.34
C ASP A 329 15.58 -4.03 1.88
N GLN A 330 15.27 -2.75 2.09
CA GLN A 330 16.16 -1.70 1.60
C GLN A 330 17.38 -1.52 2.49
N THR A 331 17.21 -1.46 3.80
CA THR A 331 18.30 -1.14 4.72
C THR A 331 18.89 -2.35 5.42
N PHE A 332 18.06 -3.24 5.96
CA PHE A 332 18.56 -4.48 6.54
C PHE A 332 19.00 -5.37 5.39
N GLY A 333 20.29 -5.29 5.05
CA GLY A 333 20.82 -6.12 3.99
C GLY A 333 20.60 -7.59 4.30
N MET A 334 21.28 -8.08 5.33
CA MET A 334 20.90 -9.34 5.94
C MET A 334 19.84 -9.06 6.99
N PHE A 335 19.34 -10.12 7.62
CA PHE A 335 18.32 -10.01 8.66
C PHE A 335 17.09 -9.24 8.16
N SER A 336 16.73 -9.45 6.90
CA SER A 336 15.50 -8.87 6.37
C SER A 336 14.27 -9.57 6.93
N TRP A 337 14.44 -10.74 7.54
CA TRP A 337 13.37 -11.45 8.21
C TRP A 337 13.22 -11.04 9.67
N THR A 338 13.79 -9.90 10.05
CA THR A 338 13.61 -9.40 11.41
C THR A 338 12.34 -8.58 11.53
N ILE A 339 12.01 -7.79 10.51
CA ILE A 339 10.82 -6.93 10.54
C ILE A 339 9.54 -7.74 10.36
N PRO A 340 9.49 -8.80 9.53
CA PRO A 340 8.31 -9.66 9.54
C PRO A 340 8.07 -10.34 10.88
N ILE A 341 9.14 -10.83 11.52
CA ILE A 341 9.04 -11.35 12.87
C ILE A 341 8.51 -10.27 13.80
N ALA A 342 8.98 -9.04 13.61
CA ALA A 342 8.58 -7.96 14.49
C ALA A 342 7.10 -7.64 14.34
N VAL A 343 6.59 -7.67 13.11
CA VAL A 343 5.18 -7.39 12.88
C VAL A 343 4.33 -8.55 13.40
N ALA A 344 4.86 -9.77 13.33
CA ALA A 344 4.16 -10.91 13.90
C ALA A 344 4.04 -10.79 15.41
N LEU A 345 5.17 -10.52 16.08
CA LEU A 345 5.14 -10.34 17.52
C LEU A 345 4.26 -9.15 17.90
N SER A 346 4.22 -8.12 17.05
CA SER A 346 3.38 -6.97 17.32
C SER A 346 1.91 -7.35 17.25
N CYS A 347 1.51 -8.08 16.22
CA CYS A 347 0.10 -8.46 16.11
C CYS A 347 -0.29 -9.44 17.20
N PHE A 348 0.66 -10.24 17.68
CA PHE A 348 0.36 -11.09 18.82
C PHE A 348 0.16 -10.27 20.08
N GLY A 349 1.17 -9.50 20.49
CA GLY A 349 1.04 -8.65 21.66
C GLY A 349 0.02 -7.54 21.55
N GLY A 350 -0.58 -7.37 20.38
CA GLY A 350 -1.66 -6.42 20.22
C GLY A 350 -2.98 -7.12 19.99
N LEU A 351 -2.93 -8.46 19.97
CA LEU A 351 -4.14 -9.24 20.13
C LEU A 351 -4.44 -9.50 21.59
N ASN A 352 -3.41 -9.80 22.38
CA ASN A 352 -3.62 -10.02 23.80
C ASN A 352 -3.99 -8.73 24.52
N ALA A 353 -4.06 -7.61 23.78
CA ALA A 353 -4.58 -6.38 24.37
C ALA A 353 -6.01 -6.14 23.93
N SER A 354 -6.50 -6.91 22.97
CA SER A 354 -7.91 -6.87 22.61
C SER A 354 -8.65 -8.07 23.07
N ILE A 355 -7.97 -8.91 23.87
CA ILE A 355 -8.60 -10.00 24.58
C ILE A 355 -8.51 -9.80 26.09
N PHE A 356 -7.51 -9.07 26.57
CA PHE A 356 -7.41 -8.67 27.97
C PHE A 356 -8.17 -7.39 28.24
N ALA A 357 -8.83 -6.81 27.23
CA ALA A 357 -9.58 -5.57 27.38
C ALA A 357 -11.02 -5.68 26.88
N SER A 358 -11.27 -6.57 25.91
CA SER A 358 -12.64 -6.77 25.45
C SER A 358 -13.39 -7.72 26.37
N SER A 359 -12.78 -8.85 26.71
CA SER A 359 -13.41 -9.79 27.62
C SER A 359 -13.64 -9.24 29.01
N ARG A 360 -13.18 -8.02 29.29
CA ARG A 360 -13.63 -7.30 30.47
C ARG A 360 -14.79 -6.38 30.15
N LEU A 361 -14.86 -5.88 28.92
CA LEU A 361 -16.06 -5.16 28.48
C LEU A 361 -17.29 -6.06 28.59
N PHE A 362 -17.24 -7.24 27.96
CA PHE A 362 -18.35 -8.18 28.09
C PHE A 362 -18.59 -8.55 29.55
N PHE A 363 -17.55 -8.54 30.37
CA PHE A 363 -17.70 -8.82 31.79
C PHE A 363 -18.60 -7.79 32.45
N VAL A 364 -18.22 -6.51 32.34
CA VAL A 364 -19.08 -5.44 32.83
C VAL A 364 -20.46 -5.54 32.22
N GLY A 365 -20.54 -6.03 30.98
CA GLY A 365 -21.85 -6.21 30.36
C GLY A 365 -22.72 -7.17 31.11
N SER A 366 -22.20 -8.38 31.37
CA SER A 366 -22.95 -9.35 32.14
C SER A 366 -23.19 -8.90 33.58
N ARG A 367 -22.36 -8.01 34.10
CA ARG A 367 -22.53 -7.58 35.48
C ARG A 367 -23.70 -6.62 35.64
N GLU A 368 -23.95 -5.77 34.64
CA GLU A 368 -25.02 -4.78 34.74
C GLU A 368 -26.39 -5.33 34.38
N GLY A 369 -26.46 -6.52 33.80
CA GLY A 369 -27.72 -7.15 33.49
C GLY A 369 -28.07 -7.25 32.02
N HIS A 370 -27.26 -6.68 31.14
CA HIS A 370 -27.52 -6.72 29.70
C HIS A 370 -27.25 -8.08 29.08
N LEU A 371 -26.09 -8.66 29.31
CA LEU A 371 -25.75 -9.99 28.83
C LEU A 371 -25.97 -11.00 29.94
N PRO A 372 -26.29 -12.26 29.60
CA PRO A 372 -26.61 -13.25 30.63
C PRO A 372 -25.57 -13.32 31.74
N ASP A 373 -26.01 -13.61 32.97
CA ASP A 373 -25.14 -13.55 34.14
C ASP A 373 -23.92 -14.46 33.99
N LEU A 374 -24.00 -15.43 33.08
CA LEU A 374 -22.87 -16.32 32.84
C LEU A 374 -21.58 -15.55 32.58
N LEU A 375 -21.61 -14.59 31.65
CA LEU A 375 -20.38 -13.91 31.27
C LEU A 375 -19.77 -13.14 32.43
N SER A 376 -20.46 -13.09 33.57
CA SER A 376 -19.94 -12.43 34.75
C SER A 376 -19.18 -13.36 35.67
N MET A 377 -19.08 -14.65 35.34
CA MET A 377 -18.49 -15.59 36.27
C MET A 377 -16.98 -15.43 36.35
N ILE A 378 -16.37 -16.10 37.31
CA ILE A 378 -14.94 -16.02 37.58
C ILE A 378 -14.48 -17.36 38.13
N HIS A 379 -13.38 -17.88 37.59
CA HIS A 379 -12.82 -19.14 38.09
C HIS A 379 -12.42 -18.98 39.55
N ILE A 380 -12.79 -19.98 40.36
CA ILE A 380 -12.60 -19.88 41.81
C ILE A 380 -11.13 -19.89 42.18
N GLU A 381 -10.32 -20.71 41.53
CA GLU A 381 -8.97 -21.00 42.00
C GLU A 381 -7.91 -20.12 41.34
N ARG A 382 -8.25 -19.45 40.25
CA ARG A 382 -7.27 -18.68 39.51
C ARG A 382 -7.70 -17.24 39.24
N PHE A 383 -8.96 -16.90 39.47
CA PHE A 383 -9.50 -15.54 39.39
C PHE A 383 -9.32 -14.89 38.03
N THR A 384 -9.85 -15.51 36.97
CA THR A 384 -9.87 -14.99 35.61
C THR A 384 -11.25 -15.15 35.00
N PRO A 385 -11.81 -14.14 34.34
CA PRO A 385 -13.18 -14.25 33.85
C PRO A 385 -13.27 -15.22 32.69
N ILE A 386 -13.32 -16.51 33.02
CA ILE A 386 -13.31 -17.54 31.98
C ILE A 386 -14.46 -17.39 31.00
N PRO A 387 -15.73 -17.41 31.41
CA PRO A 387 -16.81 -17.41 30.40
C PRO A 387 -16.78 -16.21 29.47
N ALA A 388 -16.40 -15.03 29.95
CA ALA A 388 -16.28 -13.90 29.04
C ALA A 388 -15.17 -14.15 28.02
N LEU A 389 -14.08 -14.78 28.45
CA LEU A 389 -12.99 -15.08 27.54
C LEU A 389 -13.41 -16.10 26.49
N LEU A 390 -14.18 -17.12 26.89
CA LEU A 390 -14.66 -18.09 25.93
C LEU A 390 -15.66 -17.47 24.98
N PHE A 391 -16.50 -16.55 25.46
CA PHE A 391 -17.40 -15.85 24.56
C PHE A 391 -16.65 -15.04 23.53
N ASN A 392 -15.56 -14.37 23.95
CA ASN A 392 -14.82 -13.57 22.99
C ASN A 392 -14.05 -14.44 22.00
N CYS A 393 -13.47 -15.55 22.48
CA CYS A 393 -12.83 -16.48 21.56
C CYS A 393 -13.81 -17.04 20.55
N THR A 394 -15.01 -17.41 21.00
CA THR A 394 -16.01 -17.93 20.08
C THR A 394 -16.44 -16.87 19.07
N MET A 395 -16.59 -15.62 19.53
CA MET A 395 -16.94 -14.56 18.59
C MET A 395 -15.85 -14.38 17.54
N ALA A 396 -14.59 -14.33 17.95
CA ALA A 396 -13.51 -14.15 16.99
C ALA A 396 -13.44 -15.31 16.00
N LEU A 397 -13.51 -16.55 16.50
CA LEU A 397 -13.46 -17.69 15.60
C LEU A 397 -14.65 -17.73 14.66
N ILE A 398 -15.83 -17.30 15.11
CA ILE A 398 -16.98 -17.21 14.22
C ILE A 398 -16.71 -16.18 13.13
N TYR A 399 -16.17 -15.03 13.50
CA TYR A 399 -15.86 -14.01 12.50
C TYR A 399 -14.56 -14.24 11.78
N LEU A 400 -13.94 -15.43 11.94
CA LEU A 400 -12.87 -15.83 11.05
C LEU A 400 -13.36 -16.58 9.82
N ILE A 401 -14.56 -17.18 9.89
CA ILE A 401 -15.06 -17.92 8.75
C ILE A 401 -15.29 -16.99 7.56
N VAL A 402 -15.60 -15.73 7.83
CA VAL A 402 -15.90 -14.79 6.75
C VAL A 402 -14.65 -14.56 5.92
N GLU A 403 -14.79 -14.62 4.59
CA GLU A 403 -13.71 -14.23 3.71
C GLU A 403 -13.64 -12.72 3.62
N ASP A 404 -12.41 -12.19 3.69
CA ASP A 404 -12.15 -10.76 3.55
C ASP A 404 -12.92 -9.98 4.63
N VAL A 405 -12.50 -10.22 5.87
CA VAL A 405 -13.00 -9.43 7.00
C VAL A 405 -12.36 -8.05 7.06
N PHE A 406 -11.31 -7.81 6.28
CA PHE A 406 -10.71 -6.49 6.23
C PHE A 406 -11.69 -5.42 5.75
N GLN A 407 -12.78 -5.83 5.11
CA GLN A 407 -13.77 -4.86 4.67
C GLN A 407 -14.67 -4.42 5.81
N LEU A 408 -14.77 -5.22 6.87
CA LEU A 408 -15.61 -4.85 7.99
C LEU A 408 -15.06 -3.67 8.78
N ILE A 409 -13.91 -3.12 8.39
CA ILE A 409 -13.40 -1.89 9.00
C ILE A 409 -14.22 -0.73 8.46
N ASN A 410 -15.14 -1.02 7.56
CA ASN A 410 -16.01 0.02 7.02
C ASN A 410 -17.32 0.15 7.79
N TYR A 411 -17.68 -0.82 8.62
CA TYR A 411 -18.95 -0.80 9.33
C TYR A 411 -18.84 -0.28 10.76
N PHE A 412 -17.64 -0.21 11.33
CA PHE A 412 -17.49 0.31 12.68
C PHE A 412 -16.62 1.56 12.75
N SER A 413 -16.09 2.03 11.63
CA SER A 413 -15.31 3.26 11.66
C SER A 413 -16.19 4.49 11.86
N PHE A 414 -17.51 4.32 11.90
CA PHE A 414 -18.40 5.34 12.41
C PHE A 414 -18.97 4.98 13.78
N SER A 415 -18.92 3.72 14.16
CA SER A 415 -19.47 3.33 15.46
C SER A 415 -18.44 3.49 16.58
N TYR A 416 -17.21 3.04 16.35
CA TYR A 416 -16.17 3.15 17.37
C TYR A 416 -15.98 4.60 17.79
N TRP A 417 -15.75 5.49 16.83
CA TRP A 417 -15.47 6.87 17.20
C TRP A 417 -16.73 7.62 17.60
N PHE A 418 -17.89 7.22 17.10
CA PHE A 418 -19.12 7.78 17.65
C PHE A 418 -19.22 7.48 19.13
N PHE A 419 -18.84 6.27 19.54
CA PHE A 419 -19.01 5.92 20.94
C PHE A 419 -17.92 6.53 21.82
N VAL A 420 -16.70 6.67 21.31
CA VAL A 420 -15.69 7.42 22.04
C VAL A 420 -16.15 8.87 22.24
N GLY A 421 -16.63 9.50 21.17
CA GLY A 421 -17.15 10.85 21.30
C GLY A 421 -18.34 10.95 22.21
N LEU A 422 -19.18 9.93 22.24
CA LEU A 422 -20.34 9.98 23.12
C LEU A 422 -19.95 9.77 24.57
N SER A 423 -18.89 9.00 24.81
CA SER A 423 -18.34 8.93 26.17
C SER A 423 -17.78 10.28 26.59
N VAL A 424 -17.16 11.00 25.68
CA VAL A 424 -16.66 12.34 26.01
C VAL A 424 -17.83 13.29 26.32
N VAL A 425 -18.87 13.25 25.48
CA VAL A 425 -20.08 14.03 25.75
C VAL A 425 -20.67 13.63 27.10
N GLY A 426 -20.59 12.35 27.46
CA GLY A 426 -21.06 11.93 28.76
C GLY A 426 -20.23 12.51 29.88
N GLN A 427 -18.92 12.63 29.68
CA GLN A 427 -18.09 13.27 30.70
C GLN A 427 -18.48 14.73 30.86
N LEU A 428 -18.76 15.41 29.76
CA LEU A 428 -19.19 16.81 29.86
C LEU A 428 -20.54 16.93 30.54
N TYR A 429 -21.46 16.02 30.22
CA TYR A 429 -22.74 15.95 30.90
C TYR A 429 -22.56 15.78 32.40
N LEU A 430 -21.62 14.92 32.80
CA LEU A 430 -21.34 14.73 34.22
C LEU A 430 -20.78 16.01 34.83
N ARG A 431 -19.79 16.62 34.17
CA ARG A 431 -19.18 17.85 34.68
C ARG A 431 -20.22 18.92 34.91
N TRP A 432 -21.20 19.05 34.00
CA TRP A 432 -22.23 20.05 34.19
C TRP A 432 -23.21 19.64 35.29
N LYS A 433 -23.81 18.45 35.15
CA LYS A 433 -24.90 18.06 36.03
C LYS A 433 -24.42 17.82 37.46
N GLU A 434 -23.41 16.95 37.62
CA GLU A 434 -22.97 16.48 38.92
C GLU A 434 -21.52 16.91 39.11
N PRO A 435 -21.29 18.15 39.54
CA PRO A 435 -19.92 18.63 39.75
C PRO A 435 -19.35 18.30 41.12
N LYS A 436 -20.07 17.52 41.93
CA LYS A 436 -19.64 17.22 43.29
C LYS A 436 -19.14 15.79 43.44
N ARG A 437 -18.92 15.08 42.33
CA ARG A 437 -18.36 13.74 42.40
C ARG A 437 -16.98 13.79 43.04
N PRO A 438 -16.54 12.70 43.65
CA PRO A 438 -15.13 12.62 44.07
C PRO A 438 -14.23 12.45 42.86
N ARG A 439 -13.57 13.52 42.46
CA ARG A 439 -12.72 13.51 41.27
C ARG A 439 -11.27 13.63 41.70
N PRO A 440 -10.52 12.52 41.76
CA PRO A 440 -9.11 12.61 42.16
C PRO A 440 -8.26 13.43 41.22
N LEU A 441 -8.78 13.80 40.05
CA LEU A 441 -8.18 14.82 39.22
C LEU A 441 -9.23 15.31 38.23
N LYS A 442 -9.33 16.63 38.10
CA LYS A 442 -10.25 17.25 37.14
C LYS A 442 -9.42 18.15 36.23
N LEU A 443 -9.17 17.67 35.02
CA LEU A 443 -8.49 18.49 34.03
C LEU A 443 -9.44 19.56 33.52
N SER A 444 -8.86 20.64 32.98
CA SER A 444 -9.65 21.74 32.45
C SER A 444 -10.61 21.25 31.38
N VAL A 445 -11.85 21.74 31.43
CA VAL A 445 -12.89 21.40 30.46
C VAL A 445 -12.44 21.66 29.03
N PHE A 446 -11.40 22.47 28.85
CA PHE A 446 -10.77 22.65 27.53
C PHE A 446 -10.48 21.31 26.87
N PHE A 447 -9.92 20.36 27.62
CA PHE A 447 -9.57 19.07 27.04
C PHE A 447 -10.80 18.30 26.56
N PRO A 448 -11.83 18.06 27.38
CA PRO A 448 -13.00 17.37 26.85
C PRO A 448 -13.69 18.11 25.74
N ILE A 449 -13.74 19.45 25.77
CA ILE A 449 -14.49 20.14 24.72
C ILE A 449 -13.74 20.07 23.39
N VAL A 450 -12.41 20.23 23.41
CA VAL A 450 -11.71 20.16 22.13
C VAL A 450 -11.64 18.73 21.63
N PHE A 451 -11.60 17.73 22.52
CA PHE A 451 -11.63 16.38 22.00
C PHE A 451 -13.03 16.00 21.52
N CYS A 452 -14.08 16.61 22.09
CA CYS A 452 -15.41 16.39 21.56
C CYS A 452 -15.55 16.98 20.17
N ILE A 453 -14.98 18.16 19.94
CA ILE A 453 -15.00 18.73 18.60
C ILE A 453 -14.20 17.86 17.64
N CYS A 454 -13.05 17.35 18.08
CA CYS A 454 -12.26 16.46 17.24
C CYS A 454 -13.04 15.18 16.91
N SER A 455 -13.79 14.65 17.88
CA SER A 455 -14.56 13.45 17.61
C SER A 455 -15.77 13.74 16.72
N VAL A 456 -16.30 14.97 16.77
CA VAL A 456 -17.33 15.35 15.82
C VAL A 456 -16.76 15.34 14.41
N PHE A 457 -15.54 15.87 14.26
CA PHE A 457 -14.82 15.74 13.00
C PHE A 457 -14.70 14.29 12.57
N LEU A 458 -14.23 13.44 13.49
CA LEU A 458 -13.93 12.04 13.19
C LEU A 458 -15.17 11.20 12.93
N VAL A 459 -16.35 11.65 13.37
CA VAL A 459 -17.58 10.94 13.07
C VAL A 459 -18.37 11.58 11.94
N ILE A 460 -18.00 12.78 11.51
CA ILE A 460 -18.63 13.35 10.33
C ILE A 460 -17.87 12.96 9.06
N VAL A 461 -16.54 12.83 9.14
CA VAL A 461 -15.77 12.40 7.96
C VAL A 461 -16.26 11.07 7.41
N PRO A 462 -16.53 10.03 8.23
CA PRO A 462 -17.08 8.79 7.66
C PRO A 462 -18.58 8.85 7.46
N LEU A 463 -19.15 10.05 7.57
CA LEU A 463 -20.54 10.25 7.18
C LEU A 463 -20.68 10.99 5.85
N PHE A 464 -19.68 11.79 5.48
CA PHE A 464 -19.66 12.37 4.13
C PHE A 464 -19.34 11.31 3.10
N THR A 465 -18.13 10.74 3.17
CA THR A 465 -17.83 9.53 2.44
C THR A 465 -18.31 8.31 3.21
N ASP A 466 -18.18 7.14 2.58
CA ASP A 466 -18.59 5.87 3.19
C ASP A 466 -19.94 5.99 3.89
N THR A 467 -20.89 6.66 3.23
CA THR A 467 -22.16 6.94 3.89
C THR A 467 -23.04 5.71 3.94
N ILE A 468 -23.13 4.97 2.83
CA ILE A 468 -23.92 3.73 2.84
C ILE A 468 -23.32 2.73 3.82
N ASN A 469 -21.99 2.60 3.83
CA ASN A 469 -21.33 1.69 4.75
C ASN A 469 -21.61 2.08 6.20
N SER A 470 -21.34 3.34 6.56
CA SER A 470 -21.56 3.78 7.92
C SER A 470 -23.02 3.66 8.33
N LEU A 471 -23.95 3.83 7.39
CA LEU A 471 -25.35 3.65 7.76
C LEU A 471 -25.71 2.18 7.93
N ILE A 472 -25.06 1.28 7.19
CA ILE A 472 -25.23 -0.13 7.52
C ILE A 472 -24.60 -0.44 8.88
N GLY A 473 -23.57 0.31 9.26
CA GLY A 473 -23.02 0.16 10.59
C GLY A 473 -23.98 0.65 11.67
N ILE A 474 -24.69 1.73 11.38
CA ILE A 474 -25.76 2.17 12.28
C ILE A 474 -26.85 1.12 12.37
N GLY A 475 -27.18 0.49 11.24
CA GLY A 475 -28.14 -0.61 11.27
C GLY A 475 -27.67 -1.76 12.15
N ILE A 476 -26.39 -2.11 12.06
CA ILE A 476 -25.82 -3.17 12.90
C ILE A 476 -25.96 -2.80 14.37
N ALA A 477 -25.47 -1.61 14.74
CA ALA A 477 -25.57 -1.17 16.13
C ALA A 477 -27.01 -1.15 16.61
N LEU A 478 -27.92 -0.65 15.78
CA LEU A 478 -29.33 -0.54 16.14
C LEU A 478 -30.00 -1.89 16.26
N SER A 479 -29.48 -2.92 15.58
CA SER A 479 -30.09 -4.25 15.62
C SER A 479 -30.20 -4.82 17.02
N GLY A 480 -29.52 -4.23 18.01
CA GLY A 480 -29.60 -4.72 19.37
C GLY A 480 -30.85 -4.29 20.09
N VAL A 481 -31.42 -3.15 19.67
CA VAL A 481 -32.60 -2.62 20.34
C VAL A 481 -33.72 -3.63 20.46
N PRO A 482 -33.96 -4.52 19.48
CA PRO A 482 -34.92 -5.62 19.73
C PRO A 482 -34.60 -6.43 20.98
N PHE A 483 -33.37 -6.93 21.10
CA PHE A 483 -32.99 -7.67 22.31
C PHE A 483 -33.19 -6.84 23.56
N TYR A 484 -32.87 -5.54 23.49
CA TYR A 484 -33.04 -4.66 24.64
C TYR A 484 -34.50 -4.58 25.06
N PHE A 485 -35.36 -4.08 24.18
CA PHE A 485 -36.75 -3.86 24.55
C PHE A 485 -37.54 -5.15 24.66
N MET A 486 -36.98 -6.31 24.34
CA MET A 486 -37.72 -7.56 24.45
C MET A 486 -37.25 -8.45 25.58
N GLY A 487 -35.96 -8.42 25.93
CA GLY A 487 -35.45 -9.32 26.95
C GLY A 487 -34.79 -8.65 28.13
N VAL A 488 -34.31 -7.41 27.94
CA VAL A 488 -33.52 -6.72 28.94
C VAL A 488 -34.37 -5.76 29.77
N TYR A 489 -35.20 -4.96 29.11
CA TYR A 489 -35.87 -3.87 29.82
C TYR A 489 -36.93 -4.39 30.79
N LEU A 490 -37.64 -5.45 30.42
CA LEU A 490 -38.63 -6.00 31.32
C LEU A 490 -37.94 -6.70 32.48
N PRO A 491 -38.34 -6.43 33.73
CA PRO A 491 -37.58 -6.97 34.87
C PRO A 491 -37.80 -8.44 35.10
N GLU A 492 -37.12 -9.00 36.10
CA GLU A 492 -37.31 -10.39 36.47
C GLU A 492 -38.73 -10.62 36.97
N SER A 493 -39.13 -11.88 36.98
CA SER A 493 -40.47 -12.36 37.33
C SER A 493 -41.52 -11.95 36.30
N ARG A 494 -41.14 -11.25 35.24
CA ARG A 494 -42.04 -10.92 34.15
C ARG A 494 -41.63 -11.53 32.81
N ARG A 495 -40.37 -11.97 32.69
CA ARG A 495 -39.87 -12.66 31.51
C ARG A 495 -40.42 -14.07 31.46
N PRO A 496 -40.50 -14.69 30.28
CA PRO A 496 -41.14 -16.00 30.17
C PRO A 496 -40.43 -17.06 31.01
N LEU A 497 -41.21 -18.00 31.54
CA LEU A 497 -40.66 -19.00 32.44
C LEU A 497 -39.78 -20.01 31.71
N PHE A 498 -40.11 -20.35 30.47
CA PHE A 498 -39.38 -21.40 29.76
C PHE A 498 -38.00 -20.93 29.34
N ILE A 499 -37.89 -19.71 28.80
CA ILE A 499 -36.60 -19.20 28.39
C ILE A 499 -35.71 -18.97 29.60
N ARG A 500 -36.27 -18.46 30.69
CA ARG A 500 -35.47 -18.26 31.89
C ARG A 500 -35.06 -19.59 32.51
N ASN A 501 -35.92 -20.62 32.39
CA ASN A 501 -35.56 -21.93 32.93
C ASN A 501 -34.44 -22.56 32.12
N VAL A 502 -34.48 -22.43 30.79
CA VAL A 502 -33.40 -23.01 29.99
C VAL A 502 -32.12 -22.21 30.16
N LEU A 503 -32.23 -20.88 30.35
CA LEU A 503 -31.03 -20.11 30.68
C LEU A 503 -30.45 -20.52 32.02
N ALA A 504 -31.32 -20.81 33.00
CA ALA A 504 -30.85 -21.32 34.28
C ALA A 504 -30.11 -22.64 34.11
N ALA A 505 -30.70 -23.57 33.36
CA ALA A 505 -30.06 -24.87 33.15
C ALA A 505 -28.72 -24.71 32.44
N ILE A 506 -28.66 -23.88 31.41
CA ILE A 506 -27.42 -23.76 30.65
C ILE A 506 -26.38 -22.99 31.45
N THR A 507 -26.79 -22.03 32.27
CA THR A 507 -25.85 -21.32 33.13
C THR A 507 -25.28 -22.27 34.17
N ARG A 508 -26.13 -23.10 34.78
CA ARG A 508 -25.63 -24.10 35.71
C ARG A 508 -24.64 -25.04 35.01
N GLY A 509 -24.98 -25.48 33.81
CA GLY A 509 -24.08 -26.33 33.04
C GLY A 509 -22.72 -25.73 32.81
N THR A 510 -22.67 -24.57 32.15
CA THR A 510 -21.38 -23.98 31.81
C THR A 510 -20.65 -23.46 33.04
N GLN A 511 -21.38 -23.15 34.12
CA GLN A 511 -20.72 -22.70 35.34
C GLN A 511 -20.08 -23.88 36.07
N GLN A 512 -20.73 -25.04 36.03
CA GLN A 512 -20.11 -26.24 36.56
C GLN A 512 -18.95 -26.70 35.68
N LEU A 513 -19.04 -26.41 34.38
CA LEU A 513 -17.98 -26.83 33.46
C LEU A 513 -16.85 -25.81 33.40
N CYS A 514 -17.18 -24.54 33.17
CA CYS A 514 -16.17 -23.50 33.09
C CYS A 514 -15.50 -23.29 34.43
N PHE A 515 -16.03 -23.91 35.48
CA PHE A 515 -15.42 -23.81 36.80
C PHE A 515 -15.35 -22.35 37.24
N CYS A 516 -16.48 -21.66 37.18
CA CYS A 516 -16.49 -20.25 37.56
C CYS A 516 -17.68 -19.92 38.45
N VAL A 517 -17.59 -18.81 39.17
CA VAL A 517 -18.67 -18.40 40.07
C VAL A 517 -18.98 -16.92 39.93
N LEU A 518 -20.16 -16.52 40.37
CA LEU A 518 -20.53 -15.12 40.31
C LEU A 518 -19.69 -14.30 41.29
N THR A 519 -19.51 -13.02 40.99
CA THR A 519 -18.70 -12.17 41.85
C THR A 519 -19.33 -12.04 43.24
N GLU A 520 -18.49 -11.86 44.26
CA GLU A 520 -18.97 -11.73 45.62
C GLU A 520 -18.54 -10.42 46.26
N LYS B 172 -37.01 -18.98 42.44
CA LYS B 172 -36.57 -19.05 41.06
C LYS B 172 -35.27 -19.85 40.96
N PHE B 173 -34.20 -19.21 40.52
CA PHE B 173 -32.91 -19.89 40.39
C PHE B 173 -31.77 -18.88 40.29
N THR B 174 -30.56 -19.33 40.61
CA THR B 174 -29.40 -18.46 40.54
C THR B 174 -28.15 -19.30 40.31
N GLY B 175 -27.08 -18.66 39.84
CA GLY B 175 -25.84 -19.38 39.63
C GLY B 175 -25.46 -20.12 40.90
N LEU B 176 -25.13 -21.39 40.78
CA LEU B 176 -24.80 -22.19 41.96
C LEU B 176 -23.72 -21.53 42.80
N SER B 177 -23.88 -21.59 44.11
CA SER B 177 -22.88 -21.02 44.99
C SER B 177 -21.59 -21.82 44.87
N LYS B 178 -20.49 -21.25 45.34
CA LYS B 178 -19.22 -21.94 45.27
C LYS B 178 -19.33 -23.28 45.98
N GLU B 179 -20.25 -23.37 46.94
CA GLU B 179 -20.42 -24.61 47.68
C GLU B 179 -20.68 -25.77 46.73
N GLU B 180 -21.61 -25.61 45.80
CA GLU B 180 -21.85 -26.65 44.83
C GLU B 180 -20.63 -26.76 43.95
N LEU B 181 -20.04 -25.62 43.59
CA LEU B 181 -18.84 -25.63 42.78
C LEU B 181 -17.76 -26.43 43.48
N LEU B 182 -17.99 -26.76 44.76
CA LEU B 182 -17.02 -27.54 45.51
C LEU B 182 -17.49 -28.97 45.73
N LYS B 183 -18.81 -29.21 45.71
CA LYS B 183 -19.29 -30.57 45.92
C LYS B 183 -19.77 -31.23 44.63
N VAL B 184 -20.68 -30.59 43.90
CA VAL B 184 -21.32 -31.25 42.76
C VAL B 184 -20.45 -31.13 41.53
N ALA B 185 -19.51 -30.18 41.53
CA ALA B 185 -18.62 -30.02 40.38
C ALA B 185 -17.35 -30.83 40.56
N GLY B 186 -16.85 -30.93 41.79
CA GLY B 186 -15.65 -31.71 42.05
C GLY B 186 -15.86 -33.21 41.99
N SER B 187 -17.06 -33.65 41.61
CA SER B 187 -17.32 -35.08 41.49
C SER B 187 -16.44 -35.67 40.39
N PRO B 188 -16.11 -36.96 40.47
CA PRO B 188 -15.21 -37.54 39.44
C PRO B 188 -15.73 -37.41 38.02
N GLY B 189 -17.03 -37.55 37.82
CA GLY B 189 -17.58 -37.45 36.47
C GLY B 189 -17.34 -36.09 35.84
N TRP B 190 -17.69 -35.02 36.58
CA TRP B 190 -17.57 -33.68 36.02
C TRP B 190 -16.12 -33.29 35.80
N VAL B 191 -15.22 -33.68 36.72
CA VAL B 191 -13.83 -33.29 36.56
C VAL B 191 -13.20 -34.08 35.42
N ARG B 192 -13.59 -35.35 35.25
CA ARG B 192 -13.12 -36.10 34.09
C ARG B 192 -13.64 -35.49 32.80
N THR B 193 -14.88 -35.02 32.79
CA THR B 193 -15.42 -34.38 31.60
C THR B 193 -14.67 -33.09 31.29
N ARG B 194 -14.32 -32.33 32.33
CA ARG B 194 -13.58 -31.08 32.12
C ARG B 194 -12.18 -31.36 31.59
N TRP B 195 -11.50 -32.37 32.14
CA TRP B 195 -10.18 -32.74 31.64
C TRP B 195 -10.27 -33.21 30.20
N ALA B 196 -11.31 -33.98 29.88
CA ALA B 196 -11.49 -34.43 28.50
C ALA B 196 -11.72 -33.27 27.56
N LEU B 197 -12.52 -32.29 27.97
CA LEU B 197 -12.75 -31.10 27.16
C LEU B 197 -11.44 -30.35 26.92
N LEU B 198 -10.65 -30.15 27.98
CA LEU B 198 -9.39 -29.43 27.80
C LEU B 198 -8.44 -30.19 26.88
N LEU B 199 -8.37 -31.51 27.03
CA LEU B 199 -7.42 -32.27 26.22
C LEU B 199 -7.88 -32.35 24.77
N LEU B 200 -9.20 -32.41 24.56
CA LEU B 200 -9.72 -32.33 23.19
C LEU B 200 -9.44 -30.95 22.58
N PHE B 201 -9.51 -29.90 23.41
CA PHE B 201 -9.13 -28.58 22.92
C PHE B 201 -7.69 -28.54 22.47
N TRP B 202 -6.78 -29.09 23.28
CA TRP B 202 -5.38 -29.02 22.89
C TRP B 202 -5.07 -29.98 21.75
N LEU B 203 -5.87 -31.03 21.59
CA LEU B 203 -5.74 -31.86 20.39
C LEU B 203 -6.18 -31.09 19.16
N GLY B 204 -7.31 -30.40 19.24
CA GLY B 204 -7.73 -29.55 18.12
C GLY B 204 -6.74 -28.45 17.83
N TRP B 205 -6.03 -27.98 18.85
CA TRP B 205 -5.08 -26.89 18.62
C TRP B 205 -3.78 -27.39 18.00
N LEU B 206 -3.26 -28.52 18.48
CA LEU B 206 -2.14 -29.12 17.76
C LEU B 206 -2.56 -29.53 16.35
N GLY B 207 -3.85 -29.81 16.15
CA GLY B 207 -4.32 -30.10 14.81
C GLY B 207 -4.35 -28.87 13.92
N MET B 208 -4.77 -27.72 14.48
CA MET B 208 -4.72 -26.48 13.72
C MET B 208 -3.29 -26.10 13.37
N LEU B 209 -2.36 -26.31 14.30
CA LEU B 209 -0.96 -26.06 13.99
C LEU B 209 -0.45 -27.02 12.92
N ALA B 210 -0.80 -28.30 13.01
CA ALA B 210 -0.36 -29.24 11.99
C ALA B 210 -0.91 -28.85 10.63
N GLY B 211 -2.19 -28.47 10.58
CA GLY B 211 -2.76 -28.00 9.33
C GLY B 211 -2.03 -26.80 8.76
N ALA B 212 -1.78 -25.80 9.61
CA ALA B 212 -1.05 -24.63 9.14
C ALA B 212 0.31 -25.02 8.58
N VAL B 213 1.08 -25.82 9.33
CA VAL B 213 2.45 -26.10 8.95
C VAL B 213 2.50 -27.01 7.72
N VAL B 214 1.47 -27.84 7.51
CA VAL B 214 1.50 -28.71 6.34
C VAL B 214 1.02 -27.97 5.10
N ILE B 215 0.00 -27.12 5.25
CA ILE B 215 -0.47 -26.36 4.11
C ILE B 215 0.54 -25.31 3.70
N ILE B 216 1.41 -24.89 4.63
CA ILE B 216 2.46 -23.96 4.27
C ILE B 216 3.47 -24.62 3.33
N VAL B 217 3.68 -25.93 3.49
CA VAL B 217 4.55 -26.66 2.56
C VAL B 217 3.76 -27.33 1.44
N ARG B 218 2.48 -27.01 1.30
CA ARG B 218 1.67 -27.53 0.20
C ARG B 218 1.57 -26.55 -0.95
N ALA B 219 1.31 -25.29 -0.65
CA ALA B 219 1.33 -24.26 -1.68
C ALA B 219 2.74 -24.15 -2.25
N PRO B 220 2.87 -23.89 -3.55
CA PRO B 220 4.19 -23.89 -4.16
C PRO B 220 5.02 -22.69 -3.73
N ARG B 221 6.33 -22.84 -3.86
CA ARG B 221 7.25 -21.78 -3.48
C ARG B 221 7.00 -20.52 -4.31
N CYS B 222 7.64 -19.43 -3.89
CA CYS B 222 7.44 -18.15 -4.54
C CYS B 222 8.66 -17.80 -5.40
N ARG B 223 8.40 -17.56 -6.68
CA ARG B 223 9.47 -17.33 -7.64
C ARG B 223 10.27 -16.09 -7.26
N GLU B 224 11.51 -16.05 -7.72
CA GLU B 224 12.44 -15.00 -7.32
C GLU B 224 12.32 -13.82 -8.27
N LEU B 225 12.22 -12.62 -7.71
CA LEU B 225 12.21 -11.41 -8.52
C LEU B 225 13.57 -11.21 -9.17
N PRO B 226 13.64 -10.85 -10.44
CA PRO B 226 14.94 -10.73 -11.11
C PRO B 226 15.74 -9.53 -10.66
N ALA B 227 15.21 -8.77 -9.69
CA ALA B 227 15.88 -7.60 -9.13
C ALA B 227 16.32 -6.64 -10.25
N GLN B 228 15.32 -6.14 -10.98
CA GLN B 228 15.59 -5.33 -12.15
C GLN B 228 16.25 -4.01 -11.75
N LYS B 229 16.80 -3.33 -12.76
CA LYS B 229 17.44 -2.04 -12.55
C LYS B 229 16.35 -0.97 -12.51
N TRP B 230 16.75 0.31 -12.58
CA TRP B 230 15.74 1.35 -12.64
C TRP B 230 15.05 1.38 -14.00
N TRP B 231 15.79 1.16 -15.09
CA TRP B 231 15.23 1.32 -16.42
C TRP B 231 14.28 0.20 -16.81
N HIS B 232 13.94 -0.71 -15.90
CA HIS B 232 12.83 -1.62 -16.10
C HIS B 232 11.56 -1.14 -15.41
N THR B 233 11.69 -0.34 -14.36
CA THR B 233 10.57 0.01 -13.49
C THR B 233 9.64 1.03 -14.13
N GLY B 234 9.82 1.32 -15.42
CA GLY B 234 8.93 2.25 -16.10
C GLY B 234 9.44 2.53 -17.49
N ALA B 235 8.68 3.35 -18.20
CA ALA B 235 9.06 3.72 -19.55
C ALA B 235 10.29 4.62 -19.52
N LEU B 236 10.76 5.00 -20.70
CA LEU B 236 11.75 6.05 -20.85
C LEU B 236 11.09 7.23 -21.54
N TYR B 237 11.88 8.27 -21.82
CA TYR B 237 11.34 9.48 -22.40
C TYR B 237 12.50 10.30 -22.95
N ARG B 238 12.32 10.86 -24.14
CA ARG B 238 13.37 11.61 -24.81
C ARG B 238 13.04 13.09 -24.85
N ILE B 239 14.08 13.91 -24.77
CA ILE B 239 14.00 15.33 -25.08
C ILE B 239 14.93 15.55 -26.28
N GLY B 240 14.37 15.47 -27.49
CA GLY B 240 15.20 15.58 -28.68
C GLY B 240 15.91 16.91 -28.77
N ASP B 241 15.26 17.97 -28.26
CA ASP B 241 15.86 19.29 -28.18
C ASP B 241 15.24 20.01 -27.00
N LEU B 242 16.08 20.51 -26.10
CA LEU B 242 15.60 21.18 -24.90
C LEU B 242 14.71 22.38 -25.25
N GLN B 243 15.11 23.18 -26.23
CA GLN B 243 14.37 24.38 -26.58
C GLN B 243 12.98 24.09 -27.13
N ALA B 244 12.84 23.06 -27.95
CA ALA B 244 11.55 22.74 -28.54
C ALA B 244 10.62 22.00 -27.60
N PHE B 245 11.06 21.70 -26.37
CA PHE B 245 10.17 21.03 -25.43
C PHE B 245 9.22 22.01 -24.76
N GLN B 246 9.75 22.99 -24.05
CA GLN B 246 8.90 23.98 -23.38
C GLN B 246 8.62 25.17 -24.30
N GLY B 247 9.63 25.65 -25.01
CA GLY B 247 9.43 26.70 -25.98
C GLY B 247 10.60 27.66 -25.98
N HIS B 248 10.36 28.82 -26.58
CA HIS B 248 11.38 29.86 -26.69
C HIS B 248 11.73 30.43 -25.31
N GLY B 249 12.91 31.03 -25.23
CA GLY B 249 13.34 31.70 -24.00
C GLY B 249 13.70 30.79 -22.86
N ALA B 250 12.77 29.93 -22.43
CA ALA B 250 13.01 28.98 -21.35
C ALA B 250 13.58 27.66 -21.85
N GLY B 251 14.17 27.65 -23.04
CA GLY B 251 14.77 26.43 -23.58
C GLY B 251 16.09 26.09 -22.93
N ASN B 252 16.12 26.09 -21.60
CA ASN B 252 17.33 25.83 -20.84
C ASN B 252 17.06 24.74 -19.81
N LEU B 253 18.15 24.16 -19.30
CA LEU B 253 18.03 23.10 -18.30
C LEU B 253 17.29 23.59 -17.06
N ALA B 254 17.68 24.77 -16.56
CA ALA B 254 17.01 25.32 -15.39
C ALA B 254 15.54 25.59 -15.66
N GLY B 255 15.18 26.00 -16.87
CA GLY B 255 13.78 26.14 -17.22
C GLY B 255 13.05 24.81 -17.24
N LEU B 256 13.67 23.79 -17.84
CA LEU B 256 13.07 22.47 -17.86
C LEU B 256 12.93 21.88 -16.46
N LYS B 257 13.75 22.33 -15.50
CA LYS B 257 13.72 21.80 -14.15
C LYS B 257 12.34 21.87 -13.51
N GLY B 258 11.44 22.69 -14.05
CA GLY B 258 10.09 22.76 -13.55
C GLY B 258 9.21 21.67 -14.10
N ARG B 259 9.49 21.24 -15.34
CA ARG B 259 8.68 20.23 -16.02
C ARG B 259 8.80 18.84 -15.40
N LEU B 260 9.64 18.67 -14.39
CA LEU B 260 9.75 17.39 -13.70
C LEU B 260 8.57 17.13 -12.77
N ASP B 261 7.70 18.12 -12.58
CA ASP B 261 6.40 17.85 -11.98
C ASP B 261 5.42 17.31 -13.00
N TYR B 262 5.57 17.69 -14.26
CA TYR B 262 4.73 17.16 -15.33
C TYR B 262 5.15 15.73 -15.70
N LEU B 263 6.44 15.53 -15.93
CA LEU B 263 6.91 14.22 -16.39
C LEU B 263 6.52 13.12 -15.41
N SER B 264 6.69 13.36 -14.10
CA SER B 264 6.32 12.35 -13.12
C SER B 264 4.81 12.14 -13.03
N SER B 265 4.01 12.99 -13.66
CA SER B 265 2.59 12.71 -13.77
C SER B 265 2.33 11.63 -14.80
N LEU B 266 3.09 11.63 -15.90
CA LEU B 266 3.10 10.53 -16.85
C LEU B 266 3.60 9.25 -16.24
N LYS B 267 4.15 9.30 -15.02
CA LYS B 267 4.70 8.13 -14.33
C LYS B 267 5.75 7.42 -15.17
N VAL B 268 6.81 8.16 -15.50
CA VAL B 268 7.97 7.56 -16.16
C VAL B 268 9.06 7.36 -15.13
N LYS B 269 9.96 6.42 -15.42
CA LYS B 269 11.12 6.17 -14.57
C LYS B 269 12.39 6.39 -15.36
N GLY B 270 12.37 7.40 -16.23
CA GLY B 270 13.52 7.71 -17.03
C GLY B 270 13.33 9.05 -17.73
N LEU B 271 14.38 9.45 -18.45
CA LEU B 271 14.42 10.72 -19.15
C LEU B 271 15.69 10.72 -19.99
N VAL B 272 15.63 11.41 -21.13
CA VAL B 272 16.79 11.49 -22.00
C VAL B 272 16.95 12.92 -22.52
N LEU B 273 17.86 13.67 -21.93
CA LEU B 273 18.19 14.98 -22.48
C LEU B 273 18.92 14.84 -23.80
N GLY B 274 18.77 15.85 -24.64
CA GLY B 274 19.45 15.88 -25.91
C GLY B 274 20.92 16.16 -25.74
N PRO B 275 21.68 16.12 -26.83
CA PRO B 275 23.12 16.39 -26.72
C PRO B 275 23.38 17.82 -26.26
N ILE B 276 23.90 17.94 -25.03
CA ILE B 276 24.11 19.24 -24.41
C ILE B 276 25.57 19.70 -24.50
N HIS B 277 26.46 18.87 -25.05
CA HIS B 277 27.82 19.30 -25.29
C HIS B 277 27.87 20.35 -26.40
N LYS B 278 28.86 21.23 -26.32
CA LYS B 278 29.01 22.27 -27.34
C LYS B 278 29.41 21.64 -28.67
N ASN B 279 28.57 21.86 -29.68
CA ASN B 279 28.83 21.32 -31.02
C ASN B 279 28.36 22.35 -32.04
N GLN B 280 29.23 22.68 -33.01
CA GLN B 280 28.90 23.64 -34.06
C GLN B 280 28.65 22.96 -35.40
N LYS B 281 29.60 22.17 -35.88
CA LYS B 281 29.55 21.58 -37.22
C LYS B 281 30.64 20.50 -37.30
N ASP B 282 30.92 20.08 -38.54
CA ASP B 282 31.84 18.97 -38.82
C ASP B 282 33.17 19.11 -38.09
N ASP B 283 33.59 20.33 -37.75
CA ASP B 283 34.88 20.55 -37.11
C ASP B 283 35.02 19.71 -35.85
N VAL B 284 35.97 18.79 -35.87
CA VAL B 284 36.14 17.84 -34.76
C VAL B 284 37.07 18.37 -33.68
N ALA B 285 38.01 19.26 -34.04
CA ALA B 285 39.04 19.67 -33.09
C ALA B 285 38.50 20.54 -31.97
N GLN B 286 37.37 21.22 -32.18
CA GLN B 286 36.79 22.08 -31.16
C GLN B 286 35.63 21.41 -30.44
N THR B 287 34.80 20.66 -31.15
CA THR B 287 33.68 19.95 -30.53
C THR B 287 34.20 18.89 -29.56
N ASP B 288 33.92 19.07 -28.28
CA ASP B 288 34.22 18.07 -27.27
C ASP B 288 32.93 17.64 -26.58
N LEU B 289 33.03 16.58 -25.79
CA LEU B 289 31.89 15.95 -25.15
C LEU B 289 31.77 16.31 -23.67
N LEU B 290 32.53 17.29 -23.20
CA LEU B 290 32.52 17.65 -21.78
C LEU B 290 31.98 19.05 -21.51
N GLN B 291 32.26 20.03 -22.37
CA GLN B 291 31.83 21.40 -22.14
C GLN B 291 30.35 21.56 -22.45
N ILE B 292 29.58 21.97 -21.44
CA ILE B 292 28.20 22.36 -21.66
C ILE B 292 28.14 23.47 -22.68
N ASP B 293 27.30 23.31 -23.70
CA ASP B 293 27.00 24.40 -24.61
C ASP B 293 26.36 25.53 -23.81
N PRO B 294 27.02 26.68 -23.68
CA PRO B 294 26.51 27.72 -22.76
C PRO B 294 25.14 28.24 -23.13
N ASN B 295 24.73 28.15 -24.39
CA ASN B 295 23.41 28.63 -24.78
C ASN B 295 22.29 27.83 -24.13
N PHE B 296 22.57 26.64 -23.63
CA PHE B 296 21.60 25.87 -22.87
C PHE B 296 21.72 26.08 -21.36
N GLY B 297 22.91 26.39 -20.87
CA GLY B 297 23.10 26.61 -19.46
C GLY B 297 24.55 26.37 -19.08
N SER B 298 24.73 25.92 -17.83
CA SER B 298 26.06 25.68 -17.28
C SER B 298 26.12 24.31 -16.63
N LYS B 299 27.18 24.07 -15.85
CA LYS B 299 27.29 22.82 -15.10
C LYS B 299 26.44 22.80 -13.84
N GLU B 300 26.44 23.87 -13.07
CA GLU B 300 25.80 23.86 -11.75
C GLU B 300 24.29 23.75 -11.84
N ASP B 301 23.66 24.51 -12.75
CA ASP B 301 22.23 24.33 -12.95
C ASP B 301 21.91 22.92 -13.42
N PHE B 302 22.80 22.31 -14.21
CA PHE B 302 22.62 20.93 -14.62
C PHE B 302 22.64 19.99 -13.42
N ASP B 303 23.59 20.21 -12.50
CA ASP B 303 23.65 19.37 -11.30
C ASP B 303 22.40 19.54 -10.45
N SER B 304 21.91 20.78 -10.34
CA SER B 304 20.68 21.00 -9.58
C SER B 304 19.50 20.30 -10.23
N LEU B 305 19.44 20.33 -11.57
CA LEU B 305 18.42 19.56 -12.29
C LEU B 305 18.52 18.08 -11.94
N LEU B 306 19.73 17.51 -11.99
CA LEU B 306 19.92 16.11 -11.67
C LEU B 306 19.46 15.81 -10.24
N GLN B 307 19.78 16.69 -9.30
CA GLN B 307 19.44 16.44 -7.91
C GLN B 307 17.93 16.52 -7.69
N SER B 308 17.27 17.48 -8.33
CA SER B 308 15.82 17.56 -8.22
C SER B 308 15.15 16.34 -8.85
N ALA B 309 15.67 15.87 -9.99
CA ALA B 309 15.17 14.67 -10.63
C ALA B 309 15.30 13.48 -9.69
N LYS B 310 16.51 13.25 -9.20
CA LYS B 310 16.79 12.18 -8.23
C LYS B 310 15.82 12.25 -7.05
N LYS B 311 15.60 13.46 -6.52
CA LYS B 311 14.65 13.62 -5.42
C LYS B 311 13.25 13.17 -5.83
N LYS B 312 12.82 13.51 -7.04
CA LYS B 312 11.55 13.02 -7.55
C LYS B 312 11.70 11.75 -8.37
N SER B 313 12.42 10.75 -7.83
CA SER B 313 12.49 9.39 -8.34
C SER B 313 12.50 9.27 -9.87
N ILE B 314 13.24 10.14 -10.55
CA ILE B 314 13.32 10.14 -12.00
C ILE B 314 14.78 10.21 -12.38
N ARG B 315 15.35 9.05 -12.71
CA ARG B 315 16.73 8.99 -13.15
C ARG B 315 16.88 9.66 -14.51
N VAL B 316 18.06 10.21 -14.76
CA VAL B 316 18.31 11.04 -15.93
C VAL B 316 19.39 10.38 -16.78
N ILE B 317 19.19 10.40 -18.09
CA ILE B 317 20.17 9.91 -19.04
C ILE B 317 20.67 11.12 -19.82
N LEU B 318 21.63 10.90 -20.70
CA LEU B 318 22.23 11.97 -21.47
C LEU B 318 22.66 11.43 -22.81
N ASP B 319 22.52 12.24 -23.85
CA ASP B 319 22.88 11.83 -25.21
C ASP B 319 24.28 12.33 -25.54
N LEU B 320 25.11 11.43 -26.06
CA LEU B 320 26.50 11.74 -26.35
C LEU B 320 26.79 11.56 -27.83
N THR B 321 25.81 11.82 -28.68
CA THR B 321 26.09 11.84 -30.11
C THR B 321 26.84 13.14 -30.42
N PRO B 322 28.10 13.06 -30.83
CA PRO B 322 28.91 14.27 -30.96
C PRO B 322 28.40 15.25 -32.00
N ASN B 323 28.25 14.78 -33.24
CA ASN B 323 27.88 15.66 -34.36
C ASN B 323 26.37 15.65 -34.54
N TYR B 324 25.67 16.14 -33.53
CA TYR B 324 24.22 16.24 -33.58
C TYR B 324 23.73 17.49 -34.30
N ARG B 325 24.65 18.31 -34.83
CA ARG B 325 24.32 19.41 -35.73
C ARG B 325 25.09 19.15 -37.02
N GLY B 326 24.50 18.37 -37.91
CA GLY B 326 25.15 17.95 -39.13
C GLY B 326 24.61 16.63 -39.61
N GLU B 327 24.74 16.40 -40.92
CA GLU B 327 24.24 15.17 -41.51
C GLU B 327 24.87 13.94 -40.85
N ASN B 328 26.19 13.80 -40.98
CA ASN B 328 26.90 12.72 -40.30
C ASN B 328 26.98 13.02 -38.81
N SER B 329 26.63 12.03 -37.99
CA SER B 329 26.52 12.23 -36.55
C SER B 329 27.76 11.82 -35.77
N TRP B 330 28.66 11.06 -36.38
CA TRP B 330 29.82 10.51 -35.68
C TRP B 330 31.14 11.15 -36.10
N PHE B 331 31.09 12.28 -36.80
CA PHE B 331 32.28 12.94 -37.33
C PHE B 331 33.07 11.97 -38.22
N SER B 332 32.44 11.62 -39.35
CA SER B 332 32.92 10.55 -40.22
C SER B 332 34.42 10.65 -40.53
N THR B 333 35.01 11.84 -40.44
CA THR B 333 36.42 12.01 -40.76
C THR B 333 37.31 11.12 -39.90
N GLN B 334 37.02 11.05 -38.60
CA GLN B 334 37.87 10.33 -37.67
C GLN B 334 37.01 9.52 -36.71
N VAL B 335 37.58 8.42 -36.20
CA VAL B 335 36.84 7.51 -35.33
C VAL B 335 37.57 7.24 -34.01
N ASP B 336 38.88 7.47 -33.92
CA ASP B 336 39.63 7.08 -32.72
C ASP B 336 39.53 8.15 -31.63
N THR B 337 39.75 9.41 -32.00
CA THR B 337 39.75 10.48 -30.99
C THR B 337 38.34 10.77 -30.49
N VAL B 338 37.33 10.59 -31.34
CA VAL B 338 35.95 10.70 -30.87
C VAL B 338 35.64 9.60 -29.87
N ALA B 339 36.24 8.42 -30.05
CA ALA B 339 36.10 7.37 -29.05
C ALA B 339 36.73 7.80 -27.73
N THR B 340 37.84 8.54 -27.78
CA THR B 340 38.46 9.03 -26.55
C THR B 340 37.58 10.08 -25.87
N LYS B 341 36.97 10.98 -26.66
CA LYS B 341 36.06 11.95 -26.08
C LYS B 341 34.89 11.25 -25.40
N VAL B 342 34.31 10.25 -26.05
CA VAL B 342 33.24 9.48 -25.40
C VAL B 342 33.77 8.80 -24.15
N LYS B 343 34.98 8.24 -24.23
CA LYS B 343 35.57 7.55 -23.09
C LYS B 343 35.61 8.43 -21.86
N ASP B 344 36.29 9.58 -21.95
CA ASP B 344 36.43 10.39 -20.75
C ASP B 344 35.12 11.10 -20.39
N ALA B 345 34.27 11.38 -21.38
CA ALA B 345 32.99 12.01 -21.07
C ALA B 345 32.10 11.08 -20.25
N LEU B 346 32.10 9.78 -20.54
CA LEU B 346 31.32 8.83 -19.75
C LEU B 346 31.65 8.97 -18.27
N GLU B 347 32.93 8.83 -17.92
CA GLU B 347 33.31 8.86 -16.51
C GLU B 347 33.12 10.25 -15.92
N PHE B 348 33.35 11.31 -16.70
CA PHE B 348 33.17 12.66 -16.19
C PHE B 348 31.71 12.90 -15.81
N TRP B 349 30.79 12.64 -16.75
CA TRP B 349 29.38 12.85 -16.46
C TRP B 349 28.85 11.88 -15.41
N LEU B 350 29.44 10.69 -15.30
CA LEU B 350 29.02 9.76 -14.26
C LEU B 350 29.43 10.25 -12.88
N GLN B 351 30.64 10.79 -12.76
CA GLN B 351 31.01 11.48 -11.53
C GLN B 351 30.12 12.69 -11.29
N ALA B 352 29.65 13.33 -12.37
CA ALA B 352 28.74 14.46 -12.22
C ALA B 352 27.41 14.02 -11.63
N GLY B 353 26.89 12.88 -12.06
CA GLY B 353 25.67 12.35 -11.49
C GLY B 353 24.63 11.89 -12.48
N VAL B 354 24.99 11.82 -13.76
CA VAL B 354 24.07 11.27 -14.75
C VAL B 354 23.87 9.78 -14.48
N ASP B 355 22.70 9.27 -14.85
CA ASP B 355 22.38 7.88 -14.59
C ASP B 355 22.32 7.03 -15.85
N GLY B 356 23.06 7.42 -16.89
CA GLY B 356 23.08 6.61 -18.10
C GLY B 356 23.66 7.42 -19.25
N PHE B 357 23.60 6.81 -20.44
CA PHE B 357 24.06 7.45 -21.65
C PHE B 357 23.35 6.83 -22.85
N GLN B 358 23.26 7.60 -23.93
CA GLN B 358 22.79 7.04 -25.19
C GLN B 358 23.62 7.62 -26.33
N VAL B 359 23.74 6.85 -27.40
CA VAL B 359 24.31 7.31 -28.65
C VAL B 359 23.34 6.95 -29.77
N ARG B 360 23.48 7.63 -30.91
CA ARG B 360 22.58 7.45 -32.03
C ARG B 360 23.36 7.18 -33.29
N ASP B 361 22.70 6.49 -34.23
CA ASP B 361 23.25 6.20 -35.55
C ASP B 361 24.56 5.41 -35.44
N ILE B 362 24.52 4.30 -34.70
CA ILE B 362 25.73 3.50 -34.51
C ILE B 362 26.17 2.87 -35.81
N GLU B 363 25.26 2.73 -36.77
CA GLU B 363 25.60 2.21 -38.08
C GLU B 363 26.45 3.21 -38.85
N ASN B 364 26.46 4.47 -38.41
CA ASN B 364 27.32 5.48 -38.99
C ASN B 364 28.73 5.44 -38.43
N LEU B 365 28.91 4.86 -37.25
CA LEU B 365 30.22 4.72 -36.62
C LEU B 365 30.83 3.39 -37.02
N LYS B 366 31.94 3.45 -37.76
CA LYS B 366 32.68 2.23 -38.07
C LYS B 366 33.36 1.70 -36.80
N ASP B 367 33.61 0.39 -36.79
CA ASP B 367 33.97 -0.32 -35.57
C ASP B 367 32.88 -0.11 -34.52
N ALA B 368 31.64 -0.42 -34.91
CA ALA B 368 30.49 -0.16 -34.05
C ALA B 368 30.46 -1.12 -32.87
N SER B 369 30.47 -2.43 -33.16
CA SER B 369 30.32 -3.43 -32.10
C SER B 369 31.40 -3.30 -31.03
N SER B 370 32.66 -3.15 -31.45
CA SER B 370 33.76 -3.16 -30.50
C SER B 370 33.81 -1.89 -29.67
N PHE B 371 33.72 -0.73 -30.31
CA PHE B 371 33.71 0.53 -29.56
C PHE B 371 32.51 0.59 -28.63
N LEU B 372 31.36 0.11 -29.09
CA LEU B 372 30.15 0.15 -28.26
C LEU B 372 30.27 -0.81 -27.08
N ALA B 373 30.88 -1.98 -27.30
CA ALA B 373 31.15 -2.89 -26.20
C ALA B 373 32.11 -2.27 -25.20
N GLU B 374 33.10 -1.52 -25.68
CA GLU B 374 34.05 -0.89 -24.78
C GLU B 374 33.36 0.18 -23.94
N TRP B 375 32.51 0.99 -24.55
CA TRP B 375 31.74 1.97 -23.79
C TRP B 375 30.81 1.28 -22.80
N GLN B 376 30.22 0.16 -23.21
CA GLN B 376 29.42 -0.67 -22.29
C GLN B 376 30.25 -1.08 -21.08
N ASN B 377 31.47 -1.56 -21.31
CA ASN B 377 32.34 -1.95 -20.21
C ASN B 377 32.66 -0.78 -19.31
N ILE B 378 32.86 0.41 -19.89
CA ILE B 378 33.12 1.59 -19.07
C ILE B 378 31.93 1.89 -18.17
N THR B 379 30.73 1.98 -18.75
CA THR B 379 29.57 2.39 -17.96
C THR B 379 29.17 1.30 -16.96
N LYS B 380 29.53 0.04 -17.23
CA LYS B 380 29.28 -1.01 -16.26
C LYS B 380 30.32 -1.02 -15.16
N GLY B 381 31.56 -0.65 -15.49
CA GLY B 381 32.60 -0.58 -14.47
C GLY B 381 32.43 0.58 -13.53
N PHE B 382 31.82 1.67 -14.00
CA PHE B 382 31.54 2.78 -13.08
C PHE B 382 30.46 2.39 -12.09
N SER B 383 29.40 1.71 -12.55
CA SER B 383 28.33 1.22 -11.68
C SER B 383 27.53 0.19 -12.45
N GLU B 384 26.63 -0.50 -11.75
CA GLU B 384 25.78 -1.49 -12.39
C GLU B 384 24.35 -1.00 -12.60
N ASP B 385 24.00 0.15 -12.04
CA ASP B 385 22.70 0.77 -12.29
C ASP B 385 22.80 1.93 -13.27
N ARG B 386 23.75 1.87 -14.19
CA ARG B 386 23.90 2.83 -15.27
C ARG B 386 23.43 2.20 -16.57
N LEU B 387 23.28 3.04 -17.60
CA LEU B 387 22.64 2.61 -18.83
C LEU B 387 23.37 3.15 -20.06
N LEU B 388 23.40 2.32 -21.10
CA LEU B 388 23.92 2.73 -22.40
C LEU B 388 22.94 2.25 -23.46
N ILE B 389 22.35 3.18 -24.19
CA ILE B 389 21.34 2.89 -25.20
C ILE B 389 21.87 3.34 -26.55
N ALA B 390 22.00 2.39 -27.47
CA ALA B 390 22.47 2.68 -28.82
C ALA B 390 21.28 2.68 -29.78
N GLY B 391 21.20 3.70 -30.62
CA GLY B 391 20.12 3.80 -31.57
C GLY B 391 20.58 3.76 -33.01
N THR B 392 20.01 2.87 -33.81
CA THR B 392 20.36 2.72 -35.20
C THR B 392 19.12 2.88 -36.08
N ASN B 393 19.32 3.40 -37.29
CA ASN B 393 18.24 3.55 -38.24
C ASN B 393 17.91 2.25 -38.97
N SER B 394 18.50 1.14 -38.57
CA SER B 394 18.25 -0.14 -39.21
C SER B 394 16.79 -0.55 -39.04
N SER B 395 16.35 -1.45 -39.90
CA SER B 395 14.98 -1.95 -39.85
C SER B 395 14.88 -3.46 -39.99
N ASP B 396 15.99 -4.16 -40.15
CA ASP B 396 15.99 -5.61 -40.27
C ASP B 396 16.56 -6.23 -38.99
N LEU B 397 15.99 -7.37 -38.61
CA LEU B 397 16.41 -8.05 -37.38
C LEU B 397 17.84 -8.57 -37.47
N GLN B 398 18.32 -8.86 -38.68
CA GLN B 398 19.65 -9.43 -38.85
C GLN B 398 20.72 -8.45 -38.38
N GLN B 399 20.60 -7.18 -38.77
CA GLN B 399 21.52 -6.16 -38.26
C GLN B 399 21.43 -6.07 -36.75
N ILE B 400 20.21 -6.13 -36.21
CA ILE B 400 20.01 -6.05 -34.77
C ILE B 400 20.84 -7.12 -34.07
N LEU B 401 20.66 -8.39 -34.47
CA LEU B 401 21.42 -9.47 -33.85
C LEU B 401 22.91 -9.32 -34.08
N SER B 402 23.33 -9.00 -35.31
CA SER B 402 24.76 -8.93 -35.61
C SER B 402 25.46 -7.87 -34.76
N LEU B 403 24.74 -6.78 -34.41
CA LEU B 403 25.32 -5.81 -33.50
C LEU B 403 25.10 -6.17 -32.03
N LEU B 404 24.16 -7.06 -31.72
CA LEU B 404 23.83 -7.40 -30.34
C LEU B 404 24.36 -8.77 -29.92
N GLU B 405 25.55 -9.14 -30.39
CA GLU B 405 26.14 -10.42 -30.01
C GLU B 405 27.03 -10.28 -28.77
N SER B 406 28.07 -9.46 -28.85
CA SER B 406 28.98 -9.31 -27.72
C SER B 406 28.36 -8.50 -26.58
N ASN B 407 27.33 -7.71 -26.89
CA ASN B 407 26.69 -6.84 -25.90
C ASN B 407 25.29 -7.36 -25.61
N LYS B 408 25.03 -7.67 -24.34
CA LYS B 408 23.73 -8.18 -23.91
C LYS B 408 23.02 -7.28 -22.91
N ASP B 409 23.70 -6.28 -22.36
CA ASP B 409 23.10 -5.30 -21.47
C ASP B 409 22.83 -3.98 -22.19
N LEU B 410 22.49 -4.03 -23.46
CA LEU B 410 22.44 -2.87 -24.35
C LEU B 410 21.05 -2.77 -24.96
N LEU B 411 20.20 -1.94 -24.37
CA LEU B 411 18.89 -1.66 -24.97
C LEU B 411 19.10 -0.99 -26.32
N LEU B 412 18.74 -1.68 -27.39
CA LEU B 412 19.00 -1.22 -28.75
C LEU B 412 17.69 -0.75 -29.36
N THR B 413 17.47 0.56 -29.36
CA THR B 413 16.31 1.16 -29.98
C THR B 413 16.57 1.37 -31.46
N SER B 414 15.70 0.84 -32.30
CA SER B 414 15.90 0.91 -33.74
C SER B 414 14.55 1.04 -34.44
N SER B 415 14.59 1.24 -35.75
CA SER B 415 13.41 1.32 -36.58
C SER B 415 12.88 -0.04 -36.98
N TYR B 416 13.26 -1.11 -36.25
CA TYR B 416 12.82 -2.45 -36.56
C TYR B 416 11.30 -2.59 -36.60
N LEU B 417 10.58 -1.79 -35.81
CA LEU B 417 9.11 -1.83 -35.79
C LEU B 417 8.48 -0.84 -36.76
N SER B 418 9.02 0.39 -36.83
CA SER B 418 8.35 1.46 -37.57
C SER B 418 8.09 1.11 -39.03
N ASP B 419 8.88 0.21 -39.61
CA ASP B 419 8.66 -0.17 -41.01
C ASP B 419 7.37 -0.96 -41.20
N SER B 420 6.64 -1.24 -40.12
CA SER B 420 5.45 -2.07 -40.22
C SER B 420 4.37 -1.41 -41.07
N GLY B 421 3.61 -2.24 -41.78
CA GLY B 421 2.43 -1.79 -42.48
C GLY B 421 1.18 -1.91 -41.63
N SER B 422 1.40 -2.00 -40.30
CA SER B 422 0.32 -2.10 -39.31
C SER B 422 -0.60 -3.27 -39.58
N THR B 423 -0.05 -4.39 -40.06
CA THR B 423 -0.81 -5.61 -40.27
C THR B 423 -0.67 -6.51 -39.05
N GLY B 424 -1.80 -6.94 -38.49
CA GLY B 424 -1.81 -7.76 -37.29
C GLY B 424 -0.90 -8.97 -37.36
N GLU B 425 -1.03 -9.75 -38.42
CA GLU B 425 -0.13 -10.88 -38.64
C GLU B 425 1.31 -10.43 -38.84
N HIS B 426 1.53 -9.33 -39.55
CA HIS B 426 2.89 -8.84 -39.78
C HIS B 426 3.55 -8.45 -38.47
N THR B 427 2.90 -7.60 -37.68
CA THR B 427 3.48 -7.17 -36.42
C THR B 427 3.58 -8.33 -35.43
N LYS B 428 2.64 -9.27 -35.49
CA LYS B 428 2.73 -10.47 -34.64
C LYS B 428 4.00 -11.25 -34.95
N SER B 429 4.18 -11.62 -36.23
CA SER B 429 5.39 -12.29 -36.65
C SER B 429 6.62 -11.49 -36.27
N LEU B 430 6.55 -10.16 -36.41
CA LEU B 430 7.73 -9.33 -36.17
C LEU B 430 8.16 -9.37 -34.70
N VAL B 431 7.22 -9.09 -33.79
CA VAL B 431 7.55 -9.09 -32.37
C VAL B 431 7.96 -10.48 -31.91
N THR B 432 7.19 -11.50 -32.32
CA THR B 432 7.50 -12.86 -31.88
C THR B 432 8.86 -13.31 -32.40
N GLN B 433 9.21 -12.92 -33.64
CA GLN B 433 10.50 -13.30 -34.19
C GLN B 433 11.63 -12.56 -33.52
N TYR B 434 11.42 -11.27 -33.18
CA TYR B 434 12.43 -10.54 -32.45
C TYR B 434 12.70 -11.19 -31.09
N LEU B 435 11.64 -11.62 -30.41
CA LEU B 435 11.83 -12.22 -29.10
C LEU B 435 12.43 -13.62 -29.18
N ASN B 436 11.97 -14.44 -30.14
CA ASN B 436 12.55 -15.76 -30.32
C ASN B 436 14.00 -15.69 -30.77
N ALA B 437 14.37 -14.62 -31.49
CA ALA B 437 15.76 -14.44 -31.89
C ALA B 437 16.64 -14.03 -30.72
N THR B 438 16.11 -13.22 -29.81
CA THR B 438 16.84 -12.85 -28.60
C THR B 438 16.50 -13.75 -27.43
N GLY B 439 15.66 -14.76 -27.63
CA GLY B 439 15.37 -15.72 -26.58
C GLY B 439 14.72 -15.13 -25.35
N ASN B 440 13.71 -14.28 -25.54
CA ASN B 440 12.96 -13.68 -24.43
C ASN B 440 13.87 -12.91 -23.48
N ARG B 441 14.85 -12.21 -24.05
CA ARG B 441 15.73 -11.37 -23.26
C ARG B 441 15.02 -10.05 -22.94
N TRP B 442 15.76 -9.08 -22.44
CA TRP B 442 15.20 -7.76 -22.13
C TRP B 442 15.58 -6.78 -23.23
N CYS B 443 14.57 -6.26 -23.93
CA CYS B 443 14.78 -5.41 -25.10
C CYS B 443 14.19 -4.03 -24.86
N SER B 444 14.31 -3.18 -25.88
CA SER B 444 13.79 -1.82 -25.84
C SER B 444 12.86 -1.62 -27.03
N TRP B 445 11.63 -1.21 -26.75
CA TRP B 445 10.58 -1.11 -27.75
C TRP B 445 10.33 0.35 -28.11
N SER B 446 10.69 0.72 -29.33
CA SER B 446 10.44 2.06 -29.84
C SER B 446 10.45 1.98 -31.35
N LEU B 447 10.00 3.07 -31.99
CA LEU B 447 9.92 3.11 -33.43
C LEU B 447 11.17 3.67 -34.10
N SER B 448 11.98 4.43 -33.36
CA SER B 448 13.24 4.92 -33.90
C SER B 448 14.09 5.45 -32.75
N GLN B 449 15.27 5.97 -33.09
CA GLN B 449 16.21 6.43 -32.07
C GLN B 449 15.71 7.69 -31.40
N ALA B 450 15.21 8.66 -32.17
CA ALA B 450 14.69 9.89 -31.61
C ALA B 450 13.42 10.39 -32.28
N ARG B 451 12.86 9.66 -33.24
CA ARG B 451 11.67 10.11 -33.94
C ARG B 451 10.42 9.83 -33.11
N LEU B 452 9.37 10.58 -33.41
CA LEU B 452 8.11 10.43 -32.70
C LEU B 452 7.31 9.26 -33.26
N LEU B 453 6.24 8.91 -32.55
CA LEU B 453 5.35 7.86 -33.05
C LEU B 453 4.59 8.32 -34.29
N THR B 454 4.01 9.52 -34.24
CA THR B 454 3.15 10.00 -35.31
C THR B 454 3.88 10.20 -36.62
N SER B 455 5.22 10.20 -36.63
CA SER B 455 5.95 10.33 -37.88
C SER B 455 5.86 9.08 -38.74
N PHE B 456 5.26 8.00 -38.24
CA PHE B 456 5.10 6.78 -39.01
C PHE B 456 3.71 6.17 -38.89
N LEU B 457 2.79 6.76 -38.12
CA LEU B 457 1.52 6.14 -37.82
C LEU B 457 0.37 7.11 -38.05
N PRO B 458 -0.74 6.64 -38.60
CA PRO B 458 -1.95 7.47 -38.65
C PRO B 458 -2.47 7.76 -37.25
N ALA B 459 -3.26 8.84 -37.16
CA ALA B 459 -3.75 9.28 -35.86
C ALA B 459 -4.74 8.31 -35.23
N GLN B 460 -5.47 7.55 -36.04
CA GLN B 460 -6.39 6.54 -35.52
C GLN B 460 -5.68 5.29 -35.03
N LEU B 461 -4.38 5.16 -35.32
CA LEU B 461 -3.60 4.00 -34.94
C LEU B 461 -2.79 4.22 -33.67
N LEU B 462 -2.74 5.45 -33.17
CA LEU B 462 -1.78 5.77 -32.11
C LEU B 462 -2.15 5.12 -30.78
N ARG B 463 -3.43 5.18 -30.40
CA ARG B 463 -3.86 4.51 -29.18
C ARG B 463 -3.53 3.02 -29.23
N LEU B 464 -3.70 2.42 -30.40
CA LEU B 464 -3.39 1.01 -30.59
C LEU B 464 -1.94 0.71 -30.24
N TYR B 465 -1.01 1.42 -30.89
CA TYR B 465 0.41 1.22 -30.60
C TYR B 465 0.73 1.50 -29.13
N GLN B 466 0.36 2.67 -28.63
CA GLN B 466 0.69 2.98 -27.24
C GLN B 466 0.07 2.01 -26.24
N LEU B 467 -0.90 1.21 -26.65
CA LEU B 467 -1.31 0.10 -25.79
C LEU B 467 -0.35 -1.06 -25.86
N MET B 468 0.31 -1.27 -27.00
CA MET B 468 1.25 -2.38 -27.14
C MET B 468 2.59 -2.05 -26.49
N LEU B 469 3.10 -0.84 -26.73
CA LEU B 469 4.42 -0.47 -26.24
C LEU B 469 4.49 -0.50 -24.73
N PHE B 470 3.39 -0.19 -24.05
CA PHE B 470 3.36 -0.23 -22.59
C PHE B 470 3.03 -1.60 -22.04
N THR B 471 3.09 -2.65 -22.87
CA THR B 471 2.86 -3.99 -22.37
C THR B 471 3.83 -5.02 -22.93
N LEU B 472 4.70 -4.67 -23.85
CA LEU B 472 5.64 -5.64 -24.35
C LEU B 472 6.76 -5.87 -23.34
N PRO B 473 7.32 -7.08 -23.29
CA PRO B 473 8.35 -7.37 -22.29
C PRO B 473 9.65 -6.65 -22.57
N GLY B 474 9.70 -5.37 -22.23
CA GLY B 474 10.91 -4.62 -22.39
C GLY B 474 10.77 -3.26 -21.76
N THR B 475 11.63 -2.34 -22.19
CA THR B 475 11.52 -0.95 -21.79
C THR B 475 10.97 -0.14 -22.95
N PRO B 476 9.84 0.54 -22.78
CA PRO B 476 9.30 1.34 -23.89
C PRO B 476 9.89 2.75 -23.90
N VAL B 477 10.22 3.22 -25.10
CA VAL B 477 11.02 4.42 -25.28
C VAL B 477 10.26 5.38 -26.19
N PHE B 478 9.67 6.42 -25.61
CA PHE B 478 8.92 7.43 -26.34
C PHE B 478 9.71 8.73 -26.43
N SER B 479 9.51 9.46 -27.52
CA SER B 479 10.08 10.78 -27.63
C SER B 479 9.17 11.80 -26.93
N TYR B 480 9.63 13.04 -26.88
CA TYR B 480 8.85 14.09 -26.24
C TYR B 480 7.63 14.40 -27.09
N GLY B 481 6.45 14.38 -26.47
CA GLY B 481 5.22 14.74 -27.16
C GLY B 481 4.35 13.58 -27.58
N ASP B 482 4.81 12.35 -27.44
CA ASP B 482 3.98 11.23 -27.83
C ASP B 482 3.12 10.74 -26.67
N GLU B 483 2.93 11.56 -25.64
CA GLU B 483 1.90 11.29 -24.65
C GLU B 483 0.63 12.07 -24.93
N ILE B 484 0.63 12.89 -25.99
CA ILE B 484 -0.54 13.66 -26.40
C ILE B 484 -0.96 13.36 -27.82
N GLY B 485 -0.11 12.67 -28.59
CA GLY B 485 -0.37 12.50 -30.00
C GLY B 485 0.14 13.64 -30.85
N LEU B 486 1.18 14.34 -30.39
CA LEU B 486 1.74 15.47 -31.13
C LEU B 486 2.16 15.03 -32.52
N ASP B 487 1.63 15.71 -33.53
CA ASP B 487 1.99 15.48 -34.92
C ASP B 487 2.93 16.57 -35.39
N ALA B 488 3.86 16.21 -36.27
CA ALA B 488 4.80 17.17 -36.85
C ALA B 488 4.30 17.77 -38.15
N ALA B 489 3.19 17.27 -38.70
CA ALA B 489 2.66 17.77 -39.96
C ALA B 489 1.31 18.44 -39.83
N ALA B 490 0.59 18.22 -38.72
CA ALA B 490 -0.68 18.89 -38.51
C ALA B 490 -0.49 20.39 -38.35
N LEU B 491 0.46 20.79 -37.52
CA LEU B 491 0.75 22.20 -37.35
C LEU B 491 1.61 22.69 -38.51
N PRO B 492 1.14 23.67 -39.28
CA PRO B 492 1.91 24.12 -40.46
C PRO B 492 3.21 24.82 -40.06
N GLY B 493 4.20 24.70 -40.92
CA GLY B 493 5.47 25.38 -40.70
C GLY B 493 6.26 24.84 -39.51
N GLN B 494 6.08 23.57 -39.18
CA GLN B 494 6.77 22.96 -38.05
C GLN B 494 7.92 22.10 -38.54
N PRO B 495 9.13 22.23 -37.97
CA PRO B 495 10.21 21.33 -38.33
C PRO B 495 9.91 19.91 -37.90
N MET B 496 9.96 18.99 -38.88
CA MET B 496 9.61 17.59 -38.67
C MET B 496 10.53 16.90 -37.66
N GLU B 497 11.84 17.15 -37.77
CA GLU B 497 12.80 16.43 -36.94
C GLU B 497 12.64 16.77 -35.47
N ALA B 498 12.25 18.02 -35.17
CA ALA B 498 12.14 18.49 -33.79
C ALA B 498 10.93 19.40 -33.66
N PRO B 499 9.74 18.83 -33.53
CA PRO B 499 8.54 19.66 -33.34
C PRO B 499 8.52 20.28 -31.96
N VAL B 500 7.53 21.15 -31.75
CA VAL B 500 7.36 21.84 -30.48
C VAL B 500 6.21 21.18 -29.73
N MET B 501 6.41 20.92 -28.44
CA MET B 501 5.35 20.39 -27.61
C MET B 501 4.24 21.43 -27.44
N LEU B 502 3.01 20.96 -27.33
CA LEU B 502 1.84 21.83 -27.26
C LEU B 502 1.31 21.82 -25.83
N TRP B 503 1.83 22.75 -25.03
CA TRP B 503 1.39 22.86 -23.64
C TRP B 503 -0.01 23.45 -23.55
N ASP B 504 -0.17 24.68 -24.03
CA ASP B 504 -1.45 25.38 -24.00
C ASP B 504 -1.68 26.04 -25.35
N GLU B 505 -2.72 26.88 -25.42
CA GLU B 505 -3.03 27.56 -26.67
C GLU B 505 -1.91 28.49 -27.12
N SER B 506 -1.02 28.88 -26.21
CA SER B 506 0.10 29.76 -26.54
C SER B 506 1.39 28.99 -26.78
N SER B 507 1.30 27.67 -27.01
CA SER B 507 2.50 26.87 -27.22
C SER B 507 3.19 27.26 -28.53
N PHE B 508 2.41 27.55 -29.57
CA PHE B 508 2.97 27.98 -30.84
C PHE B 508 2.47 29.40 -31.14
N PRO B 509 3.19 30.43 -30.73
CA PRO B 509 2.70 31.81 -30.95
C PRO B 509 2.58 32.17 -32.43
N ASP B 510 3.29 31.48 -33.31
CA ASP B 510 3.14 31.72 -34.73
C ASP B 510 1.78 31.18 -35.21
N ILE B 511 1.19 31.90 -36.16
CA ILE B 511 -0.14 31.64 -36.71
C ILE B 511 -1.11 31.13 -35.65
N PRO B 512 -1.32 31.86 -34.55
CA PRO B 512 -2.19 31.35 -33.48
C PRO B 512 -3.63 31.27 -33.93
N GLY B 513 -4.42 30.54 -33.13
CA GLY B 513 -5.81 30.30 -33.43
C GLY B 513 -6.11 28.93 -34.00
N ALA B 514 -5.16 28.34 -34.72
CA ALA B 514 -5.33 26.98 -35.24
C ALA B 514 -5.05 25.92 -34.18
N VAL B 515 -4.35 26.27 -33.11
CA VAL B 515 -4.10 25.33 -32.02
C VAL B 515 -5.43 25.01 -31.35
N SER B 516 -5.86 23.76 -31.46
CA SER B 516 -7.14 23.34 -30.91
C SER B 516 -6.99 23.08 -29.41
N ALA B 517 -8.07 22.63 -28.78
CA ALA B 517 -8.05 22.31 -27.35
C ALA B 517 -7.77 20.85 -27.07
N ASN B 518 -8.15 19.95 -27.97
CA ASN B 518 -7.85 18.54 -27.83
C ASN B 518 -6.44 18.19 -28.27
N MET B 519 -5.68 19.16 -28.78
CA MET B 519 -4.35 18.91 -29.30
C MET B 519 -3.26 19.32 -28.32
N THR B 520 -3.58 20.06 -27.28
CA THR B 520 -2.64 20.45 -26.24
C THR B 520 -2.73 19.51 -25.05
N VAL B 521 -1.67 19.47 -24.26
CA VAL B 521 -1.65 18.61 -23.08
C VAL B 521 -2.69 19.06 -22.07
N LYS B 522 -2.97 20.37 -22.02
CA LYS B 522 -3.89 20.90 -21.02
C LYS B 522 -5.31 20.38 -21.24
N GLY B 523 -5.84 20.57 -22.46
CA GLY B 523 -7.19 20.13 -22.74
C GLY B 523 -7.38 18.62 -22.67
N GLN B 524 -6.31 17.85 -22.86
CA GLN B 524 -6.39 16.40 -22.80
C GLN B 524 -6.22 15.85 -21.40
N SER B 525 -5.64 16.62 -20.48
CA SER B 525 -5.36 16.12 -19.14
C SER B 525 -6.63 15.83 -18.35
N GLU B 526 -7.76 16.44 -18.71
CA GLU B 526 -9.00 16.24 -17.98
C GLU B 526 -9.92 15.20 -18.59
N ASP B 527 -9.79 14.94 -19.89
CA ASP B 527 -10.70 14.02 -20.56
C ASP B 527 -10.23 12.58 -20.38
N PRO B 528 -11.02 11.70 -19.75
CA PRO B 528 -10.64 10.28 -19.69
C PRO B 528 -10.67 9.58 -21.03
N GLY B 529 -11.47 10.06 -21.98
CA GLY B 529 -11.52 9.46 -23.29
C GLY B 529 -10.54 10.09 -24.25
N SER B 530 -9.52 10.74 -23.70
CA SER B 530 -8.45 11.34 -24.50
C SER B 530 -7.33 10.33 -24.71
N LEU B 531 -6.22 10.78 -25.27
CA LEU B 531 -5.04 9.94 -25.44
C LEU B 531 -4.08 10.06 -24.27
N LEU B 532 -3.88 11.28 -23.75
CA LEU B 532 -3.01 11.46 -22.60
C LEU B 532 -3.53 10.72 -21.39
N SER B 533 -4.85 10.60 -21.25
CA SER B 533 -5.41 9.79 -20.18
C SER B 533 -5.04 8.33 -20.36
N LEU B 534 -5.08 7.85 -21.60
CA LEU B 534 -4.64 6.48 -21.89
C LEU B 534 -3.17 6.30 -21.49
N PHE B 535 -2.33 7.27 -21.86
CA PHE B 535 -0.92 7.20 -21.53
C PHE B 535 -0.71 7.14 -20.02
N ARG B 536 -1.39 8.00 -19.28
CA ARG B 536 -1.22 8.04 -17.83
C ARG B 536 -1.71 6.75 -17.18
N ARG B 537 -2.87 6.25 -17.59
CA ARG B 537 -3.38 5.02 -16.99
C ARG B 537 -2.50 3.83 -17.33
N LEU B 538 -1.99 3.77 -18.56
CA LEU B 538 -1.08 2.69 -18.93
C LEU B 538 0.21 2.76 -18.11
N SER B 539 0.91 3.89 -18.18
CA SER B 539 2.15 4.03 -17.43
C SER B 539 1.95 3.93 -15.92
N ASP B 540 0.70 4.02 -15.45
CA ASP B 540 0.44 3.68 -14.06
C ASP B 540 0.34 2.17 -13.88
N GLN B 541 -0.33 1.49 -14.82
CA GLN B 541 -0.40 0.03 -14.75
C GLN B 541 0.92 -0.65 -15.07
N ARG B 542 1.91 0.10 -15.53
CA ARG B 542 3.21 -0.47 -15.88
C ARG B 542 4.23 -0.30 -14.76
N SER B 543 4.30 0.88 -14.17
CA SER B 543 5.32 1.18 -13.17
C SER B 543 4.90 0.81 -11.76
N LYS B 544 3.79 0.09 -11.60
CA LYS B 544 3.38 -0.36 -10.28
C LYS B 544 2.94 -1.82 -10.22
N GLU B 545 2.57 -2.44 -11.34
CA GLU B 545 2.07 -3.81 -11.35
C GLU B 545 3.22 -4.76 -11.66
N ARG B 546 3.33 -5.82 -10.85
CA ARG B 546 4.42 -6.77 -11.01
C ARG B 546 4.40 -7.44 -12.38
N SER B 547 3.32 -8.17 -12.68
CA SER B 547 3.30 -9.06 -13.84
C SER B 547 3.55 -8.33 -15.16
N LEU B 548 3.49 -7.00 -15.18
CA LEU B 548 3.92 -6.24 -16.34
C LEU B 548 5.37 -5.81 -16.27
N LEU B 549 5.86 -5.51 -15.07
CA LEU B 549 7.22 -5.01 -14.91
C LEU B 549 8.24 -6.00 -15.44
N HIS B 550 8.12 -7.26 -15.03
CA HIS B 550 9.06 -8.30 -15.48
C HIS B 550 8.37 -9.62 -15.79
N GLY B 551 7.04 -9.63 -15.89
CA GLY B 551 6.34 -10.88 -16.09
C GLY B 551 6.65 -11.51 -17.43
N ASP B 552 6.40 -12.82 -17.51
CA ASP B 552 6.62 -13.53 -18.75
C ASP B 552 5.57 -13.14 -19.78
N PHE B 553 5.92 -13.38 -21.05
CA PHE B 553 5.17 -12.92 -22.20
C PHE B 553 4.90 -14.10 -23.12
N HIS B 554 3.62 -14.37 -23.40
CA HIS B 554 3.28 -15.50 -24.26
C HIS B 554 2.11 -15.14 -25.15
N ALA B 555 2.31 -15.21 -26.46
CA ALA B 555 1.27 -14.85 -27.42
C ALA B 555 0.62 -16.11 -27.97
N PHE B 556 -0.70 -16.04 -28.16
CA PHE B 556 -1.46 -17.12 -28.78
C PHE B 556 -2.19 -16.57 -30.00
N SER B 557 -2.46 -17.46 -30.95
CA SER B 557 -3.05 -17.07 -32.21
C SER B 557 -4.48 -16.56 -32.00
N ALA B 558 -4.96 -15.79 -32.97
CA ALA B 558 -6.28 -15.19 -32.93
C ALA B 558 -6.78 -15.05 -34.36
N GLY B 559 -7.81 -14.22 -34.55
CA GLY B 559 -8.39 -14.00 -35.85
C GLY B 559 -7.41 -13.42 -36.86
N PRO B 560 -7.86 -13.28 -38.11
CA PRO B 560 -6.99 -12.80 -39.21
C PRO B 560 -6.70 -11.31 -39.16
N GLY B 561 -5.71 -10.94 -38.35
CA GLY B 561 -5.29 -9.55 -38.26
C GLY B 561 -5.27 -9.01 -36.85
N LEU B 562 -5.39 -9.90 -35.86
CA LEU B 562 -5.38 -9.50 -34.47
C LEU B 562 -3.98 -9.66 -33.88
N PHE B 563 -3.82 -9.20 -32.65
CA PHE B 563 -2.59 -9.44 -31.89
C PHE B 563 -2.96 -9.72 -30.45
N SER B 564 -2.67 -10.92 -29.96
CA SER B 564 -3.15 -11.38 -28.67
C SER B 564 -2.01 -12.02 -27.89
N TYR B 565 -1.83 -11.59 -26.64
CA TYR B 565 -0.81 -12.17 -25.80
C TYR B 565 -1.21 -12.04 -24.34
N ILE B 566 -0.41 -12.65 -23.47
CA ILE B 566 -0.64 -12.69 -22.03
C ILE B 566 0.66 -12.34 -21.33
N ARG B 567 0.54 -11.57 -20.24
CA ARG B 567 1.65 -11.18 -19.38
C ARG B 567 1.37 -11.71 -17.98
N HIS B 568 2.20 -12.66 -17.54
CA HIS B 568 2.00 -13.31 -16.24
C HIS B 568 3.33 -13.56 -15.58
N TRP B 569 3.50 -13.10 -14.34
CA TRP B 569 4.79 -13.28 -13.70
C TRP B 569 4.85 -14.50 -12.78
N ASP B 570 4.23 -14.43 -11.61
CA ASP B 570 4.08 -15.62 -10.79
C ASP B 570 2.64 -15.84 -10.34
N GLN B 571 2.14 -14.89 -9.55
CA GLN B 571 0.80 -14.93 -9.01
C GLN B 571 0.14 -13.56 -8.93
N ASN B 572 0.81 -12.51 -9.37
CA ASN B 572 0.21 -11.20 -9.40
C ASN B 572 -0.83 -11.13 -10.52
N GLU B 573 -1.50 -9.99 -10.60
CA GLU B 573 -2.59 -9.83 -11.55
C GLU B 573 -2.12 -10.16 -12.95
N ARG B 574 -2.68 -11.22 -13.53
CA ARG B 574 -2.30 -11.66 -14.87
C ARG B 574 -3.06 -10.86 -15.92
N PHE B 575 -2.32 -10.29 -16.87
CA PHE B 575 -2.88 -9.42 -17.88
C PHE B 575 -2.98 -10.16 -19.21
N LEU B 576 -3.98 -9.78 -20.01
CA LEU B 576 -4.13 -10.26 -21.37
C LEU B 576 -4.38 -9.05 -22.25
N VAL B 577 -3.72 -8.99 -23.40
CA VAL B 577 -3.86 -7.87 -24.31
C VAL B 577 -4.26 -8.41 -25.67
N VAL B 578 -5.15 -7.69 -26.35
CA VAL B 578 -5.50 -8.01 -27.72
C VAL B 578 -5.76 -6.72 -28.49
N LEU B 579 -5.33 -6.70 -29.74
CA LEU B 579 -5.22 -5.49 -30.53
C LEU B 579 -5.78 -5.74 -31.92
N ASN B 580 -6.63 -4.82 -32.38
CA ASN B 580 -7.32 -4.92 -33.67
C ASN B 580 -6.53 -4.11 -34.68
N PHE B 581 -5.70 -4.79 -35.47
CA PHE B 581 -4.96 -4.14 -36.55
C PHE B 581 -5.72 -4.19 -37.86
N GLY B 582 -6.97 -3.73 -37.85
CA GLY B 582 -7.80 -3.79 -39.04
C GLY B 582 -8.76 -2.62 -39.09
N ASP B 583 -9.31 -2.38 -40.27
CA ASP B 583 -10.25 -1.30 -40.51
C ASP B 583 -11.69 -1.78 -40.57
N VAL B 584 -11.95 -3.01 -40.14
CA VAL B 584 -13.30 -3.56 -40.09
C VAL B 584 -13.52 -4.20 -38.72
N GLY B 585 -14.76 -4.61 -38.48
CA GLY B 585 -15.08 -5.27 -37.23
C GLY B 585 -14.55 -6.69 -37.20
N LEU B 586 -13.60 -6.95 -36.32
CA LEU B 586 -12.97 -8.25 -36.19
C LEU B 586 -13.53 -9.01 -34.99
N SER B 587 -13.35 -10.32 -35.01
CA SER B 587 -13.80 -11.19 -33.94
C SER B 587 -12.59 -11.77 -33.21
N ALA B 588 -12.54 -11.59 -31.90
CA ALA B 588 -11.45 -12.11 -31.09
C ALA B 588 -11.79 -13.53 -30.68
N GLY B 589 -11.35 -14.50 -31.49
CA GLY B 589 -11.58 -15.89 -31.16
C GLY B 589 -10.89 -16.30 -29.87
N LEU B 590 -9.62 -15.94 -29.73
CA LEU B 590 -8.84 -16.16 -28.51
C LEU B 590 -8.76 -17.64 -28.15
N GLN B 591 -8.39 -18.47 -29.12
CA GLN B 591 -8.06 -19.87 -28.83
C GLN B 591 -6.56 -19.99 -28.61
N ALA B 592 -6.17 -20.49 -27.44
CA ALA B 592 -4.75 -20.60 -27.08
C ALA B 592 -4.31 -22.05 -26.99
N SER B 593 -4.92 -22.84 -26.11
CA SER B 593 -4.68 -24.29 -26.03
C SER B 593 -3.21 -24.65 -25.85
N ASP B 594 -2.36 -23.65 -25.61
CA ASP B 594 -0.92 -23.88 -25.58
C ASP B 594 -0.20 -23.20 -24.42
N LEU B 595 -0.84 -22.26 -23.74
CA LEU B 595 -0.19 -21.59 -22.63
C LEU B 595 -0.05 -22.54 -21.44
N PRO B 596 0.97 -22.35 -20.61
CA PRO B 596 1.18 -23.24 -19.47
C PRO B 596 0.01 -23.20 -18.50
N ALA B 597 0.02 -24.14 -17.55
CA ALA B 597 -1.04 -24.22 -16.56
C ALA B 597 -1.06 -23.00 -15.65
N SER B 598 0.09 -22.33 -15.50
CA SER B 598 0.13 -21.06 -14.79
C SER B 598 -0.53 -19.92 -15.56
N ALA B 599 -1.04 -20.20 -16.76
CA ALA B 599 -1.69 -19.22 -17.62
C ALA B 599 -3.07 -19.72 -18.02
N SER B 600 -3.83 -20.19 -17.05
CA SER B 600 -5.17 -20.71 -17.31
C SER B 600 -6.10 -19.55 -17.65
N LEU B 601 -6.65 -19.58 -18.86
CA LEU B 601 -7.51 -18.50 -19.32
C LEU B 601 -8.88 -18.61 -18.65
N PRO B 602 -9.37 -17.55 -18.00
CA PRO B 602 -10.74 -17.57 -17.48
C PRO B 602 -11.74 -17.32 -18.59
N ALA B 603 -12.87 -18.01 -18.49
CA ALA B 603 -13.92 -17.85 -19.49
C ALA B 603 -14.47 -16.43 -19.51
N LYS B 604 -14.40 -15.73 -18.38
CA LYS B 604 -14.77 -14.33 -18.29
C LYS B 604 -13.64 -13.55 -17.62
N ALA B 605 -13.19 -12.49 -18.27
CA ALA B 605 -12.05 -11.71 -17.81
C ALA B 605 -12.44 -10.26 -17.61
N ASP B 606 -11.73 -9.59 -16.71
CA ASP B 606 -11.98 -8.20 -16.40
C ASP B 606 -11.56 -7.30 -17.56
N LEU B 607 -11.66 -5.99 -17.37
CA LEU B 607 -11.24 -5.03 -18.38
C LEU B 607 -10.80 -3.75 -17.69
N LEU B 608 -9.52 -3.43 -17.80
CA LEU B 608 -8.97 -2.23 -17.17
C LEU B 608 -9.22 -0.97 -17.99
N LEU B 609 -9.12 -1.08 -19.31
CA LEU B 609 -9.31 0.07 -20.20
C LEU B 609 -9.35 -0.44 -21.63
N SER B 610 -9.79 0.44 -22.53
CA SER B 610 -9.85 0.13 -23.96
C SER B 610 -9.44 1.36 -24.73
N THR B 611 -8.76 1.13 -25.86
CA THR B 611 -8.33 2.25 -26.70
C THR B 611 -9.52 3.03 -27.26
N GLN B 612 -10.69 2.42 -27.33
CA GLN B 612 -11.88 3.14 -27.75
C GLN B 612 -12.91 3.20 -26.63
N PRO B 613 -13.39 4.39 -26.29
CA PRO B 613 -14.44 4.47 -25.27
C PRO B 613 -15.75 3.91 -25.78
N GLY B 614 -16.48 3.24 -24.88
CA GLY B 614 -17.71 2.59 -25.25
C GLY B 614 -17.92 1.28 -24.52
N ARG B 615 -16.82 0.72 -24.01
CA ARG B 615 -16.88 -0.45 -23.13
C ARG B 615 -16.49 -0.01 -21.74
N GLU B 616 -17.37 -0.26 -20.77
CA GLU B 616 -17.18 0.20 -19.41
C GLU B 616 -16.11 -0.63 -18.73
N GLU B 617 -15.30 0.05 -17.90
CA GLU B 617 -14.22 -0.61 -17.18
C GLU B 617 -14.73 -1.12 -15.84
N GLY B 618 -14.30 -2.32 -15.47
CA GLY B 618 -14.82 -3.00 -14.31
C GLY B 618 -15.88 -4.04 -14.62
N SER B 619 -16.10 -4.35 -15.90
CA SER B 619 -17.09 -5.32 -16.31
C SER B 619 -16.39 -6.60 -16.74
N PRO B 620 -16.41 -7.67 -15.95
CA PRO B 620 -15.77 -8.92 -16.39
C PRO B 620 -16.49 -9.51 -17.60
N LEU B 621 -15.82 -9.48 -18.74
CA LEU B 621 -16.42 -9.83 -20.02
C LEU B 621 -16.00 -11.24 -20.42
N GLU B 622 -16.99 -12.01 -20.88
CA GLU B 622 -16.74 -13.41 -21.27
C GLU B 622 -15.79 -13.48 -22.47
N LEU B 623 -14.94 -14.50 -22.46
CA LEU B 623 -13.80 -14.58 -23.37
C LEU B 623 -14.15 -15.27 -24.68
N GLU B 624 -15.42 -15.31 -25.06
CA GLU B 624 -15.82 -15.98 -26.30
C GLU B 624 -16.43 -15.03 -27.32
N ARG B 625 -17.46 -14.27 -26.95
CA ARG B 625 -18.11 -13.36 -27.88
C ARG B 625 -17.47 -11.96 -27.75
N LEU B 626 -16.55 -11.69 -28.68
CA LEU B 626 -15.88 -10.41 -28.74
C LEU B 626 -15.91 -9.89 -30.18
N LYS B 627 -16.41 -8.67 -30.35
CA LYS B 627 -16.45 -8.01 -31.64
C LYS B 627 -15.56 -6.79 -31.57
N LEU B 628 -14.41 -6.85 -32.25
CA LEU B 628 -13.39 -5.82 -32.19
C LEU B 628 -13.61 -4.82 -33.31
N GLU B 629 -14.11 -3.63 -32.95
CA GLU B 629 -14.25 -2.55 -33.91
C GLU B 629 -12.87 -2.17 -34.45
N PRO B 630 -12.82 -1.46 -35.59
CA PRO B 630 -11.52 -1.09 -36.16
C PRO B 630 -10.66 -0.31 -35.18
N HIS B 631 -9.45 -0.82 -34.96
CA HIS B 631 -8.44 -0.16 -34.11
C HIS B 631 -8.92 0.01 -32.68
N GLU B 632 -9.31 -1.10 -32.05
CA GLU B 632 -9.68 -1.12 -30.65
C GLU B 632 -8.76 -2.04 -29.88
N GLY B 633 -8.29 -1.57 -28.74
CA GLY B 633 -7.38 -2.34 -27.92
C GLY B 633 -8.01 -2.84 -26.63
N LEU B 634 -7.46 -3.91 -26.06
CA LEU B 634 -8.05 -4.55 -24.90
C LEU B 634 -6.95 -4.97 -23.94
N LEU B 635 -7.14 -4.64 -22.66
CA LEU B 635 -6.18 -4.86 -21.59
C LEU B 635 -6.86 -5.65 -20.47
N LEU B 636 -7.48 -6.78 -20.84
CA LEU B 636 -8.20 -7.60 -19.88
C LEU B 636 -7.27 -8.04 -18.75
N ARG B 637 -7.87 -8.31 -17.58
CA ARG B 637 -7.10 -8.70 -16.41
C ARG B 637 -7.84 -9.83 -15.71
N PHE B 638 -7.08 -10.65 -14.97
CA PHE B 638 -7.67 -11.67 -14.12
C PHE B 638 -6.67 -12.04 -13.04
N PRO B 639 -7.14 -12.56 -11.89
CA PRO B 639 -6.20 -12.89 -10.82
C PRO B 639 -5.60 -14.29 -10.97
N TYR B 640 -4.73 -14.66 -10.03
CA TYR B 640 -4.03 -15.93 -10.12
C TYR B 640 -5.02 -17.09 -10.05
N ALA B 641 -5.16 -17.80 -11.16
CA ALA B 641 -6.06 -18.94 -11.27
C ALA B 641 -5.25 -20.23 -11.24
N ALA B 642 -5.94 -21.34 -10.96
CA ALA B 642 -5.30 -22.64 -10.89
C ALA B 642 -6.01 -23.65 -11.79
#